data_2RGM
#
_entry.id   2RGM
#
_cell.length_a   80.287
_cell.length_b   101.286
_cell.length_c   127.253
_cell.angle_alpha   90.00
_cell.angle_beta   90.00
_cell.angle_gamma   90.00
#
_symmetry.space_group_name_H-M   'P 21 21 21'
#
loop_
_entity.id
_entity.type
_entity.pdbx_description
1 polymer Beta-glucosidase
2 non-polymer 2-deoxy-2-fluoro-alpha-D-glucopyranose
3 non-polymer 'ZINC ION'
4 non-polymer 'SULFATE ION'
5 non-polymer '2-(N-MORPHOLINO)-ETHANESULFONIC ACID'
6 non-polymer GLYCEROL
7 water water
#
_entity_poly.entity_id   1
_entity_poly.type   'polypeptide(L)'
_entity_poly.pdbx_seq_one_letter_code
;AMADVVPKPNWLGGLSRAAFPKRFVFGTVTSAYQVEGMAASGGRGPSIWDAFAHTPGNVAGNQNGDVATDQYHRYKEDVN
LMKSLNFDAYRFSISWSRIFPDGEGRVNQEGVAYYNNLINYLLQKGITPYVNLYHYDLPLALEKKYGGWLNAKMADLFTE
YADFCFKTFGNRVKHWFTFNEPRIVALLGYDQGTNPPKRCTKCAAGGNSATEPYIVAHNFLLSHAAAVARYRTKYQAAQQ
GKVGIVLDFNWYEALSNSTEDQAAAQRARDFHIGWYLDPLINGHYPQIMQDLVKDRLPKFTPEQARLVKGSADYIGINQY
TASYMKGQQLMQQTPTSYSADWQVTYVFAKNGKPIGPQANSNWLYIVPWGMYGCVNYIKQKYGNPTVVITENGMDQPANL
SRDQYLRDTTRVHFYRSYLTQLKKAIDEGANVAGYFAWSLLDNFEWLSGYTSKFGIVYVDFNTLERHPKASAYWFRDMLK
H
;
_entity_poly.pdbx_strand_id   A,B
#
loop_
_chem_comp.id
_chem_comp.type
_chem_comp.name
_chem_comp.formula
G2F D-saccharide, alpha linking 2-deoxy-2-fluoro-alpha-D-glucopyranose 'C6 H11 F O5'
GOL non-polymer GLYCEROL 'C3 H8 O3'
MES non-polymer '2-(N-MORPHOLINO)-ETHANESULFONIC ACID' 'C6 H13 N O4 S'
SO4 non-polymer 'SULFATE ION' 'O4 S -2'
ZN non-polymer 'ZINC ION' 'Zn 2'
#
# COMPACT_ATOMS: atom_id res chain seq x y z
N TRP A 11 -32.18 15.66 -9.46
CA TRP A 11 -31.37 14.82 -8.54
C TRP A 11 -31.84 13.37 -8.60
N LEU A 12 -32.71 12.91 -7.70
CA LEU A 12 -33.05 11.46 -7.67
C LEU A 12 -34.08 11.04 -8.72
N GLY A 13 -34.87 12.00 -9.19
CA GLY A 13 -35.84 11.72 -10.26
C GLY A 13 -36.83 10.64 -9.85
N GLY A 14 -37.21 10.66 -8.57
CA GLY A 14 -38.17 9.72 -8.03
C GLY A 14 -37.62 8.35 -7.67
N LEU A 15 -36.30 8.16 -7.81
CA LEU A 15 -35.70 6.88 -7.49
C LEU A 15 -35.33 6.81 -6.01
N SER A 16 -35.45 5.61 -5.46
CA SER A 16 -35.18 5.29 -4.08
C SER A 16 -35.34 3.78 -3.96
N ARG A 17 -35.01 3.24 -2.80
CA ARG A 17 -35.23 1.83 -2.51
C ARG A 17 -36.70 1.43 -2.77
N ALA A 18 -37.62 2.33 -2.42
CA ALA A 18 -39.05 2.06 -2.58
C ALA A 18 -39.44 1.86 -4.04
N ALA A 19 -38.62 2.38 -4.96
CA ALA A 19 -38.89 2.33 -6.38
C ALA A 19 -38.50 0.99 -7.01
N PHE A 20 -37.79 0.17 -6.24
CA PHE A 20 -37.34 -1.14 -6.68
C PHE A 20 -37.94 -2.25 -5.79
N PRO A 21 -37.92 -3.51 -6.27
CA PRO A 21 -38.52 -4.59 -5.47
C PRO A 21 -37.91 -4.74 -4.09
N LYS A 22 -38.69 -5.28 -3.17
CA LYS A 22 -38.23 -5.66 -1.86
C LYS A 22 -37.02 -6.59 -2.01
N ARG A 23 -35.99 -6.30 -1.23
CA ARG A 23 -34.78 -7.13 -1.22
C ARG A 23 -33.91 -6.97 -2.47
N PHE A 24 -34.25 -6.03 -3.36
CA PHE A 24 -33.39 -5.73 -4.52
C PHE A 24 -32.00 -5.33 -4.03
N VAL A 25 -30.97 -5.90 -4.66
CA VAL A 25 -29.59 -5.70 -4.18
C VAL A 25 -28.90 -4.60 -4.99
N PHE A 26 -28.36 -3.60 -4.28
CA PHE A 26 -27.51 -2.57 -4.92
C PHE A 26 -26.07 -2.70 -4.48
N GLY A 27 -25.15 -2.71 -5.44
CA GLY A 27 -23.73 -2.79 -5.09
C GLY A 27 -22.82 -1.99 -6.02
N THR A 28 -21.51 -2.12 -5.77
CA THR A 28 -20.51 -1.60 -6.69
C THR A 28 -19.61 -2.78 -7.06
N VAL A 29 -18.83 -2.60 -8.12
CA VAL A 29 -18.00 -3.70 -8.64
C VAL A 29 -16.58 -3.23 -8.97
N THR A 30 -15.63 -4.11 -8.69
CA THR A 30 -14.24 -3.94 -9.13
C THR A 30 -13.78 -5.31 -9.66
N SER A 31 -12.54 -5.38 -10.13
CA SER A 31 -11.89 -6.66 -10.40
C SER A 31 -10.48 -6.63 -9.82
N ALA A 32 -9.93 -7.82 -9.60
CA ALA A 32 -8.69 -7.96 -8.84
C ALA A 32 -7.54 -7.17 -9.47
N TYR A 33 -7.25 -7.43 -10.75
CA TYR A 33 -6.08 -6.79 -11.34
C TYR A 33 -6.28 -5.27 -11.45
N GLN A 34 -7.55 -4.86 -11.58
CA GLN A 34 -7.81 -3.43 -11.79
C GLN A 34 -7.70 -2.58 -10.53
N VAL A 35 -7.88 -3.20 -9.35
CA VAL A 35 -7.81 -2.43 -8.10
C VAL A 35 -6.81 -2.89 -7.05
N GLU A 36 -6.43 -4.17 -7.05
CA GLU A 36 -5.66 -4.67 -5.87
C GLU A 36 -4.29 -4.07 -5.70
N GLY A 37 -3.54 -3.97 -6.79
CA GLY A 37 -2.08 -3.78 -6.68
C GLY A 37 -1.44 -5.02 -6.08
N MET A 38 -0.27 -4.83 -5.46
CA MET A 38 0.55 -5.94 -4.99
C MET A 38 0.62 -7.05 -6.04
N ALA A 39 0.82 -6.65 -7.29
CA ALA A 39 0.76 -7.60 -8.41
C ALA A 39 1.87 -8.66 -8.33
N ALA A 40 3.06 -8.27 -7.86
CA ALA A 40 4.21 -9.18 -7.77
C ALA A 40 4.67 -9.26 -6.32
N SER A 41 3.71 -9.13 -5.42
CA SER A 41 3.97 -9.17 -4.00
C SER A 41 2.93 -10.02 -3.29
N GLY A 42 3.17 -10.29 -2.00
CA GLY A 42 2.27 -11.15 -1.23
C GLY A 42 2.15 -12.55 -1.78
N GLY A 43 3.17 -12.97 -2.52
CA GLY A 43 3.17 -14.31 -3.08
C GLY A 43 2.48 -14.49 -4.42
N ARG A 44 1.85 -13.43 -4.94
CA ARG A 44 1.09 -13.57 -6.20
C ARG A 44 2.02 -13.89 -7.36
N GLY A 45 1.61 -14.85 -8.19
CA GLY A 45 2.29 -15.12 -9.47
C GLY A 45 1.69 -14.30 -10.60
N PRO A 46 2.43 -14.15 -11.70
CA PRO A 46 1.95 -13.34 -12.80
C PRO A 46 0.74 -13.92 -13.54
N SER A 47 -0.13 -13.02 -13.97
CA SER A 47 -1.19 -13.36 -14.93
C SER A 47 -0.77 -12.97 -16.34
N ILE A 48 -1.56 -13.41 -17.32
CA ILE A 48 -1.34 -12.99 -18.70
C ILE A 48 -1.39 -11.47 -18.83
N TRP A 49 -2.12 -10.80 -17.94
CA TRP A 49 -2.18 -9.33 -18.01
C TRP A 49 -0.94 -8.64 -17.45
N ASP A 50 -0.30 -9.25 -16.46
CA ASP A 50 0.97 -8.71 -15.97
C ASP A 50 1.96 -8.69 -17.13
N ALA A 51 2.07 -9.81 -17.84
CA ALA A 51 3.02 -9.90 -18.95
C ALA A 51 2.68 -8.88 -20.04
N PHE A 52 1.40 -8.84 -20.40
CA PHE A 52 0.94 -7.94 -21.45
C PHE A 52 1.20 -6.48 -21.06
N ALA A 53 0.85 -6.10 -19.85
CA ALA A 53 0.93 -4.68 -19.45
C ALA A 53 2.37 -4.19 -19.30
N HIS A 54 3.28 -5.13 -19.05
CA HIS A 54 4.70 -4.78 -18.88
C HIS A 54 5.45 -4.67 -20.20
N THR A 55 4.79 -5.02 -21.31
CA THR A 55 5.39 -4.84 -22.65
C THR A 55 5.18 -3.40 -23.14
N PRO A 56 6.28 -2.66 -23.42
CA PRO A 56 6.16 -1.28 -23.90
C PRO A 56 5.22 -1.16 -25.10
N GLY A 57 4.36 -0.13 -25.04
CA GLY A 57 3.40 0.13 -26.11
C GLY A 57 2.06 -0.54 -25.94
N ASN A 58 1.96 -1.54 -25.06
CA ASN A 58 0.70 -2.27 -24.97
C ASN A 58 -0.44 -1.50 -24.29
N VAL A 59 -0.09 -0.70 -23.28
CA VAL A 59 -1.07 0.04 -22.50
C VAL A 59 -0.73 1.52 -22.60
N ALA A 60 -1.75 2.37 -22.59
CA ALA A 60 -1.55 3.83 -22.53
C ALA A 60 -0.51 4.21 -21.48
N GLY A 61 0.47 5.03 -21.88
CA GLY A 61 1.52 5.48 -20.96
C GLY A 61 2.45 4.39 -20.43
N ASN A 62 2.42 3.21 -21.05
CA ASN A 62 3.13 2.02 -20.53
C ASN A 62 2.77 1.75 -19.07
N GLN A 63 1.52 2.02 -18.71
CA GLN A 63 1.06 1.79 -17.34
C GLN A 63 0.67 0.34 -17.12
N ASN A 64 0.54 -0.03 -15.86
CA ASN A 64 0.23 -1.42 -15.50
C ASN A 64 -0.50 -1.44 -14.15
N GLY A 65 -0.88 -2.64 -13.69
CA GLY A 65 -1.61 -2.79 -12.45
C GLY A 65 -0.72 -3.13 -11.27
N ASP A 66 0.57 -2.81 -11.33
CA ASP A 66 1.47 -3.20 -10.22
C ASP A 66 0.98 -2.70 -8.88
N VAL A 67 0.52 -1.43 -8.87
CA VAL A 67 0.02 -0.77 -7.66
C VAL A 67 -1.48 -0.52 -7.78
N ALA A 68 -1.92 -0.11 -8.96
CA ALA A 68 -3.35 0.14 -9.19
C ALA A 68 -3.90 1.05 -8.09
N THR A 69 -4.98 0.67 -7.40
CA THR A 69 -5.53 1.55 -6.33
C THR A 69 -5.00 1.12 -4.96
N ASP A 70 -4.16 0.08 -4.93
CA ASP A 70 -3.63 -0.47 -3.66
C ASP A 70 -4.75 -0.90 -2.70
N GLN A 71 -5.85 -1.42 -3.26
CA GLN A 71 -6.93 -1.91 -2.40
C GLN A 71 -6.40 -3.03 -1.47
N TYR A 72 -5.35 -3.73 -1.90
CA TYR A 72 -4.77 -4.79 -1.07
C TYR A 72 -4.43 -4.28 0.33
N HIS A 73 -3.90 -3.05 0.41
CA HIS A 73 -3.56 -2.45 1.71
C HIS A 73 -4.73 -1.66 2.34
N ARG A 74 -5.60 -1.12 1.49
CA ARG A 74 -6.61 -0.12 1.90
C ARG A 74 -8.02 -0.69 1.95
N TYR A 75 -8.17 -2.02 1.94
CA TYR A 75 -9.52 -2.56 1.71
C TYR A 75 -10.50 -2.16 2.79
N LYS A 76 -10.03 -1.97 4.02
CA LYS A 76 -10.96 -1.56 5.08
C LYS A 76 -11.47 -0.14 4.85
N GLU A 77 -10.61 0.73 4.33
CA GLU A 77 -11.06 2.07 3.93
C GLU A 77 -12.18 1.97 2.89
N ASP A 78 -11.94 1.13 1.87
CA ASP A 78 -12.88 1.06 0.76
C ASP A 78 -14.21 0.42 1.19
N VAL A 79 -14.14 -0.58 2.08
CA VAL A 79 -15.38 -1.19 2.59
C VAL A 79 -16.14 -0.18 3.46
N ASN A 80 -15.41 0.56 4.30
CA ASN A 80 -16.05 1.62 5.08
C ASN A 80 -16.78 2.60 4.18
N LEU A 81 -16.13 2.96 3.07
CA LEU A 81 -16.71 3.90 2.12
C LEU A 81 -17.98 3.33 1.49
N MET A 82 -17.95 2.09 1.02
CA MET A 82 -19.14 1.56 0.38
C MET A 82 -20.33 1.46 1.35
N LYS A 83 -20.05 1.16 2.63
CA LYS A 83 -21.09 1.10 3.63
C LYS A 83 -21.66 2.50 3.88
N SER A 84 -20.78 3.50 3.96
CA SER A 84 -21.22 4.89 4.16
C SER A 84 -22.09 5.39 2.99
N LEU A 85 -21.94 4.79 1.83
CA LEU A 85 -22.73 5.17 0.64
C LEU A 85 -24.00 4.32 0.49
N ASN A 86 -24.29 3.50 1.50
CA ASN A 86 -25.54 2.76 1.59
C ASN A 86 -25.71 1.57 0.65
N PHE A 87 -24.60 1.08 0.12
CA PHE A 87 -24.66 -0.12 -0.72
C PHE A 87 -24.89 -1.37 0.12
N ASP A 88 -25.45 -2.41 -0.51
CA ASP A 88 -25.77 -3.68 0.16
C ASP A 88 -24.73 -4.76 -0.08
N ALA A 89 -23.97 -4.60 -1.16
CA ALA A 89 -23.16 -5.69 -1.68
C ALA A 89 -21.93 -5.15 -2.43
N TYR A 90 -20.92 -6.00 -2.58
CA TYR A 90 -19.71 -5.67 -3.29
C TYR A 90 -19.37 -6.82 -4.19
N ARG A 91 -19.26 -6.53 -5.48
CA ARG A 91 -18.81 -7.54 -6.44
C ARG A 91 -17.32 -7.35 -6.67
N PHE A 92 -16.54 -8.38 -6.35
CA PHE A 92 -15.09 -8.32 -6.57
C PHE A 92 -14.62 -9.65 -7.12
N SER A 93 -13.37 -9.74 -7.56
CA SER A 93 -12.87 -11.02 -8.04
C SER A 93 -11.67 -11.48 -7.24
N ILE A 94 -11.52 -12.79 -7.24
CA ILE A 94 -10.33 -13.44 -6.69
C ILE A 94 -9.34 -13.63 -7.82
N SER A 95 -8.10 -13.20 -7.59
CA SER A 95 -7.04 -13.44 -8.56
C SER A 95 -6.53 -14.87 -8.44
N TRP A 96 -6.75 -15.65 -9.49
CA TRP A 96 -6.36 -17.05 -9.54
C TRP A 96 -4.88 -17.20 -9.19
N SER A 97 -4.03 -16.36 -9.77
CA SER A 97 -2.58 -16.45 -9.52
C SER A 97 -2.14 -15.89 -8.16
N ARG A 98 -3.03 -15.18 -7.46
CA ARG A 98 -2.77 -14.84 -6.06
C ARG A 98 -2.97 -16.06 -5.14
N ILE A 99 -3.89 -16.94 -5.48
CA ILE A 99 -4.15 -18.16 -4.71
C ILE A 99 -3.21 -19.29 -5.13
N PHE A 100 -3.11 -19.52 -6.44
CA PHE A 100 -2.22 -20.56 -7.02
C PHE A 100 -1.26 -19.84 -7.97
N PRO A 101 -0.06 -19.48 -7.48
CA PRO A 101 0.87 -18.75 -8.33
C PRO A 101 1.14 -19.38 -9.70
N ASP A 102 1.14 -20.71 -9.77
CA ASP A 102 1.33 -21.43 -11.04
C ASP A 102 0.00 -21.90 -11.65
N GLY A 103 -1.13 -21.51 -11.06
CA GLY A 103 -2.44 -21.91 -11.58
C GLY A 103 -2.93 -23.28 -11.14
N GLU A 104 -2.02 -24.07 -10.58
CA GLU A 104 -2.27 -25.43 -10.12
C GLU A 104 -1.21 -25.68 -9.05
N GLY A 105 -1.43 -26.67 -8.20
CA GLY A 105 -0.37 -27.11 -7.27
C GLY A 105 -0.33 -26.28 -6.00
N ARG A 106 0.79 -25.61 -5.75
CA ARG A 106 1.04 -24.96 -4.46
C ARG A 106 0.11 -23.78 -4.20
N VAL A 107 -0.46 -23.76 -3.00
CA VAL A 107 -1.34 -22.67 -2.53
C VAL A 107 -0.50 -21.59 -1.85
N ASN A 108 -0.74 -20.32 -2.22
CA ASN A 108 -0.10 -19.18 -1.59
C ASN A 108 -0.94 -18.75 -0.41
N GLN A 109 -0.53 -19.15 0.79
CA GLN A 109 -1.36 -18.92 1.97
C GLN A 109 -1.54 -17.45 2.27
N GLU A 110 -0.56 -16.64 1.91
CA GLU A 110 -0.70 -15.18 2.11
C GLU A 110 -1.87 -14.64 1.27
N GLY A 111 -2.02 -15.15 0.04
CA GLY A 111 -3.12 -14.74 -0.85
C GLY A 111 -4.47 -15.15 -0.29
N VAL A 112 -4.56 -16.40 0.21
CA VAL A 112 -5.76 -16.88 0.87
C VAL A 112 -6.15 -15.97 2.03
N ALA A 113 -5.17 -15.56 2.84
CA ALA A 113 -5.42 -14.72 4.00
C ALA A 113 -6.00 -13.39 3.58
N TYR A 114 -5.51 -12.83 2.45
CA TYR A 114 -6.06 -11.54 1.99
C TYR A 114 -7.56 -11.66 1.74
N TYR A 115 -7.96 -12.67 0.95
CA TYR A 115 -9.38 -12.79 0.64
C TYR A 115 -10.21 -13.15 1.86
N ASN A 116 -9.64 -13.94 2.78
CA ASN A 116 -10.36 -14.14 4.05
C ASN A 116 -10.59 -12.83 4.80
N ASN A 117 -9.55 -12.02 4.87
CA ASN A 117 -9.65 -10.74 5.55
C ASN A 117 -10.68 -9.81 4.91
N LEU A 118 -10.67 -9.74 3.58
CA LEU A 118 -11.62 -8.93 2.84
C LEU A 118 -13.06 -9.42 3.04
N ILE A 119 -13.27 -10.72 2.84
CA ILE A 119 -14.59 -11.32 3.04
C ILE A 119 -15.11 -11.11 4.46
N ASN A 120 -14.26 -11.37 5.45
CA ASN A 120 -14.67 -11.20 6.82
C ASN A 120 -15.00 -9.76 7.14
N TYR A 121 -14.23 -8.81 6.61
CA TYR A 121 -14.51 -7.41 6.91
C TYR A 121 -15.81 -6.96 6.24
N LEU A 122 -16.01 -7.38 5.00
CA LEU A 122 -17.29 -7.11 4.32
C LEU A 122 -18.47 -7.55 5.16
N LEU A 123 -18.43 -8.80 5.62
CA LEU A 123 -19.54 -9.34 6.41
C LEU A 123 -19.69 -8.60 7.74
N GLN A 124 -18.57 -8.23 8.35
CA GLN A 124 -18.59 -7.47 9.61
C GLN A 124 -19.34 -6.18 9.42
N LYS A 125 -19.17 -5.56 8.25
CA LYS A 125 -19.76 -4.27 7.94
C LYS A 125 -21.13 -4.35 7.27
N GLY A 126 -21.66 -5.57 7.16
CA GLY A 126 -22.98 -5.79 6.59
C GLY A 126 -23.05 -5.66 5.07
N ILE A 127 -21.93 -5.91 4.39
CA ILE A 127 -21.89 -5.85 2.92
C ILE A 127 -21.78 -7.27 2.35
N THR A 128 -22.70 -7.64 1.46
CA THR A 128 -22.69 -9.01 0.94
C THR A 128 -21.62 -9.19 -0.13
N PRO A 129 -20.71 -10.17 0.04
CA PRO A 129 -19.76 -10.42 -1.05
C PRO A 129 -20.33 -11.21 -2.22
N TYR A 130 -20.14 -10.68 -3.43
CA TYR A 130 -20.49 -11.37 -4.68
C TYR A 130 -19.15 -11.59 -5.36
N VAL A 131 -18.72 -12.86 -5.47
CA VAL A 131 -17.31 -13.13 -5.74
C VAL A 131 -17.17 -13.79 -7.09
N ASN A 132 -16.42 -13.14 -7.98
CA ASN A 132 -16.09 -13.69 -9.28
C ASN A 132 -14.79 -14.48 -9.19
N LEU A 133 -14.72 -15.66 -9.80
CA LEU A 133 -13.47 -16.46 -9.76
C LEU A 133 -12.46 -16.04 -10.80
N TYR A 134 -12.93 -15.39 -11.87
CA TYR A 134 -12.06 -15.14 -13.02
C TYR A 134 -12.41 -13.81 -13.67
N HIS A 135 -11.42 -12.93 -13.87
CA HIS A 135 -11.69 -11.64 -14.52
C HIS A 135 -10.47 -11.27 -15.36
N TYR A 136 -10.33 -11.99 -16.48
CA TYR A 136 -9.31 -11.78 -17.52
C TYR A 136 -7.90 -12.11 -17.09
N ASP A 137 -7.73 -12.73 -15.93
CA ASP A 137 -6.41 -12.82 -15.31
C ASP A 137 -5.88 -14.25 -15.18
N LEU A 138 -5.96 -15.00 -16.27
CA LEU A 138 -5.39 -16.35 -16.29
C LEU A 138 -3.94 -16.36 -15.79
N PRO A 139 -3.61 -17.24 -14.84
CA PRO A 139 -2.18 -17.38 -14.50
C PRO A 139 -1.31 -17.60 -15.74
N LEU A 140 -0.23 -16.83 -15.82
CA LEU A 140 0.66 -16.90 -16.96
C LEU A 140 1.19 -18.33 -17.15
N ALA A 141 1.45 -19.03 -16.03
CA ALA A 141 1.98 -20.41 -16.09
C ALA A 141 1.03 -21.32 -16.87
N LEU A 142 -0.28 -21.09 -16.73
CA LEU A 142 -1.29 -21.92 -17.45
C LEU A 142 -1.35 -21.62 -18.93
N GLU A 143 -1.17 -20.35 -19.28
CA GLU A 143 -1.09 -19.95 -20.68
C GLU A 143 0.09 -20.65 -21.36
N LYS A 144 1.24 -20.61 -20.69
CA LYS A 144 2.45 -21.18 -21.28
C LYS A 144 2.42 -22.70 -21.30
N LYS A 145 1.95 -23.31 -20.23
CA LYS A 145 2.01 -24.79 -20.13
C LYS A 145 0.93 -25.47 -20.95
N TYR A 146 -0.27 -24.87 -20.98
CA TYR A 146 -1.44 -25.54 -21.59
C TYR A 146 -2.03 -24.84 -22.81
N GLY A 147 -1.67 -23.58 -23.03
CA GLY A 147 -2.27 -22.79 -24.11
C GLY A 147 -3.57 -22.14 -23.70
N GLY A 148 -3.79 -22.05 -22.38
CA GLY A 148 -4.96 -21.34 -21.84
C GLY A 148 -6.26 -21.86 -22.44
N TRP A 149 -7.15 -20.94 -22.78
CA TRP A 149 -8.53 -21.31 -23.11
C TRP A 149 -8.70 -22.03 -24.45
N LEU A 150 -7.61 -22.19 -25.20
CA LEU A 150 -7.66 -23.06 -26.37
C LEU A 150 -7.70 -24.53 -25.98
N ASN A 151 -7.30 -24.85 -24.75
CA ASN A 151 -7.16 -26.24 -24.31
C ASN A 151 -8.34 -26.68 -23.47
N ALA A 152 -8.99 -27.77 -23.90
CA ALA A 152 -10.14 -28.31 -23.17
C ALA A 152 -9.80 -28.70 -21.73
N LYS A 153 -8.51 -28.94 -21.46
CA LYS A 153 -8.04 -29.23 -20.09
C LYS A 153 -8.35 -28.09 -19.12
N MET A 154 -8.62 -26.90 -19.64
CA MET A 154 -9.02 -25.80 -18.75
C MET A 154 -10.23 -26.13 -17.86
N ALA A 155 -11.15 -26.99 -18.33
CA ALA A 155 -12.30 -27.36 -17.50
C ALA A 155 -11.84 -28.01 -16.19
N ASP A 156 -10.87 -28.91 -16.29
CA ASP A 156 -10.35 -29.55 -15.08
C ASP A 156 -9.57 -28.55 -14.22
N LEU A 157 -8.72 -27.74 -14.87
CA LEU A 157 -7.87 -26.80 -14.15
C LEU A 157 -8.72 -25.76 -13.42
N PHE A 158 -9.73 -25.24 -14.13
CA PHE A 158 -10.62 -24.28 -13.51
C PHE A 158 -11.46 -24.91 -12.40
N THR A 159 -11.94 -26.14 -12.63
CA THR A 159 -12.75 -26.79 -11.62
C THR A 159 -11.95 -27.01 -10.33
N GLU A 160 -10.67 -27.36 -10.45
CA GLU A 160 -9.87 -27.58 -9.23
C GLU A 160 -9.65 -26.28 -8.44
N TYR A 161 -9.46 -25.19 -9.19
CA TYR A 161 -9.34 -23.86 -8.60
C TYR A 161 -10.64 -23.45 -7.92
N ALA A 162 -11.75 -23.62 -8.64
CA ALA A 162 -13.08 -23.32 -8.07
C ALA A 162 -13.36 -24.13 -6.83
N ASP A 163 -13.05 -25.43 -6.89
CA ASP A 163 -13.25 -26.33 -5.74
C ASP A 163 -12.51 -25.79 -4.51
N PHE A 164 -11.24 -25.40 -4.69
CA PHE A 164 -10.49 -24.80 -3.57
C PHE A 164 -11.19 -23.56 -3.02
N CYS A 165 -11.68 -22.68 -3.90
CA CYS A 165 -12.34 -21.45 -3.43
C CYS A 165 -13.63 -21.79 -2.69
N PHE A 166 -14.44 -22.70 -3.25
CA PHE A 166 -15.66 -23.15 -2.55
C PHE A 166 -15.37 -23.69 -1.15
N LYS A 167 -14.37 -24.57 -1.05
CA LYS A 167 -14.00 -25.19 0.22
C LYS A 167 -13.53 -24.13 1.23
N THR A 168 -12.72 -23.19 0.75
CA THR A 168 -12.00 -22.28 1.62
C THR A 168 -12.85 -21.09 2.04
N PHE A 169 -13.71 -20.60 1.13
CA PHE A 169 -14.48 -19.39 1.39
C PHE A 169 -15.99 -19.58 1.42
N GLY A 170 -16.48 -20.72 0.93
CA GLY A 170 -17.92 -20.91 0.70
C GLY A 170 -18.80 -21.03 1.94
N ASN A 171 -18.20 -21.28 3.10
CA ASN A 171 -19.01 -21.19 4.32
C ASN A 171 -19.51 -19.77 4.61
N ARG A 172 -18.82 -18.78 4.03
CA ARG A 172 -19.16 -17.35 4.17
C ARG A 172 -19.70 -16.72 2.89
N VAL A 173 -19.10 -17.09 1.75
CA VAL A 173 -19.53 -16.57 0.46
C VAL A 173 -20.67 -17.43 -0.11
N LYS A 174 -21.80 -16.78 -0.41
CA LYS A 174 -23.00 -17.49 -0.88
C LYS A 174 -23.42 -17.07 -2.29
N HIS A 175 -22.68 -16.15 -2.89
CA HIS A 175 -22.99 -15.67 -4.22
C HIS A 175 -21.73 -15.63 -5.04
N TRP A 176 -21.61 -16.58 -5.95
CA TRP A 176 -20.43 -16.74 -6.79
C TRP A 176 -20.75 -16.44 -8.23
N PHE A 177 -19.72 -16.05 -8.97
CA PHE A 177 -19.74 -16.11 -10.44
C PHE A 177 -18.48 -16.81 -10.86
N THR A 178 -18.56 -17.60 -11.94
CA THR A 178 -17.37 -18.26 -12.47
C THR A 178 -16.52 -17.26 -13.28
N PHE A 179 -17.09 -16.73 -14.37
CA PHE A 179 -16.36 -15.88 -15.33
C PHE A 179 -16.99 -14.54 -15.54
N ASN A 180 -16.14 -13.57 -15.93
CA ASN A 180 -16.56 -12.26 -16.45
C ASN A 180 -16.32 -12.13 -17.97
N GLU A 181 -17.42 -12.09 -18.72
CA GLU A 181 -17.40 -11.73 -20.15
C GLU A 181 -16.53 -12.65 -21.04
N PRO A 182 -16.90 -13.93 -21.11
CA PRO A 182 -16.19 -14.83 -22.02
C PRO A 182 -16.21 -14.31 -23.46
N ARG A 183 -17.28 -13.62 -23.88
CA ARG A 183 -17.31 -13.07 -25.26
C ARG A 183 -16.14 -12.13 -25.53
N ILE A 184 -15.79 -11.32 -24.52
CA ILE A 184 -14.72 -10.34 -24.68
C ILE A 184 -13.34 -11.02 -24.76
N VAL A 185 -13.14 -12.08 -23.97
CA VAL A 185 -11.93 -12.86 -24.09
C VAL A 185 -11.84 -13.46 -25.51
N ALA A 186 -12.93 -14.08 -25.98
CA ALA A 186 -12.94 -14.65 -27.34
C ALA A 186 -12.68 -13.58 -28.39
N LEU A 187 -13.37 -12.46 -28.26
CA LEU A 187 -13.32 -11.43 -29.30
C LEU A 187 -11.97 -10.73 -29.32
N LEU A 188 -11.57 -10.18 -28.17
CA LEU A 188 -10.35 -9.36 -28.15
C LEU A 188 -9.08 -10.20 -28.08
N GLY A 189 -9.14 -11.37 -27.44
CA GLY A 189 -7.96 -12.21 -27.29
C GLY A 189 -7.69 -13.10 -28.47
N TYR A 190 -8.73 -13.41 -29.25
CA TYR A 190 -8.60 -14.44 -30.27
C TYR A 190 -9.19 -14.12 -31.63
N ASP A 191 -9.98 -13.04 -31.73
CA ASP A 191 -10.49 -12.60 -33.03
C ASP A 191 -9.67 -11.40 -33.48
N GLN A 192 -9.76 -10.34 -32.70
CA GLN A 192 -9.04 -9.11 -33.03
C GLN A 192 -7.58 -9.14 -32.58
N GLY A 193 -7.27 -9.95 -31.55
CA GLY A 193 -5.89 -10.04 -31.08
C GLY A 193 -5.35 -8.78 -30.39
N THR A 194 -6.25 -7.99 -29.79
CA THR A 194 -5.85 -6.73 -29.11
C THR A 194 -5.69 -6.86 -27.60
N ASN A 195 -6.17 -7.97 -27.03
CA ASN A 195 -5.96 -8.27 -25.61
C ASN A 195 -5.22 -9.60 -25.54
N PRO A 196 -4.60 -9.91 -24.38
CA PRO A 196 -3.87 -11.20 -24.26
C PRO A 196 -4.78 -12.38 -24.57
N PRO A 197 -4.27 -13.44 -25.26
CA PRO A 197 -2.89 -13.68 -25.72
C PRO A 197 -2.51 -13.04 -27.07
N LYS A 198 -3.27 -12.04 -27.52
CA LYS A 198 -2.97 -11.32 -28.77
C LYS A 198 -2.95 -12.25 -29.98
N ARG A 199 -3.96 -13.12 -30.06
CA ARG A 199 -4.04 -14.04 -31.19
C ARG A 199 -5.07 -13.62 -32.22
N CYS A 200 -4.74 -13.86 -33.48
CA CYS A 200 -5.62 -13.49 -34.59
C CYS A 200 -4.95 -13.99 -35.87
N THR A 201 -5.65 -13.96 -36.98
CA THR A 201 -5.13 -14.54 -38.21
C THR A 201 -3.81 -13.87 -38.64
N LYS A 202 -3.75 -12.55 -38.54
CA LYS A 202 -2.51 -11.86 -38.93
C LYS A 202 -1.45 -11.71 -37.82
N CYS A 203 -1.80 -12.08 -36.59
CA CYS A 203 -1.05 -11.66 -35.41
C CYS A 203 0.31 -12.34 -35.26
N ALA A 204 1.27 -11.62 -34.67
CA ALA A 204 2.62 -12.19 -34.47
C ALA A 204 2.59 -13.45 -33.62
N ALA A 205 1.68 -13.49 -32.63
CA ALA A 205 1.55 -14.66 -31.74
C ALA A 205 0.93 -15.88 -32.41
N GLY A 206 0.42 -15.71 -33.62
CA GLY A 206 -0.31 -16.76 -34.31
C GLY A 206 -1.79 -16.59 -34.08
N GLY A 207 -2.56 -17.53 -34.60
CA GLY A 207 -4.00 -17.54 -34.38
C GLY A 207 -4.82 -17.74 -35.62
N ASN A 208 -6.13 -17.70 -35.45
CA ASN A 208 -7.07 -17.90 -36.53
C ASN A 208 -8.38 -17.32 -36.05
N SER A 209 -8.71 -16.15 -36.57
CA SER A 209 -9.86 -15.37 -36.10
C SER A 209 -11.19 -16.05 -36.43
N ALA A 210 -11.16 -16.99 -37.39
CA ALA A 210 -12.37 -17.71 -37.82
C ALA A 210 -12.71 -18.93 -36.96
N THR A 211 -11.72 -19.42 -36.21
CA THR A 211 -11.90 -20.67 -35.46
C THR A 211 -11.69 -20.51 -33.96
N GLU A 212 -10.63 -19.80 -33.58
CA GLU A 212 -10.25 -19.76 -32.16
C GLU A 212 -11.28 -19.13 -31.23
N PRO A 213 -11.95 -18.03 -31.67
CA PRO A 213 -13.00 -17.49 -30.77
C PRO A 213 -14.05 -18.55 -30.37
N TYR A 214 -14.42 -19.42 -31.31
CA TYR A 214 -15.44 -20.42 -31.01
C TYR A 214 -14.93 -21.54 -30.11
N ILE A 215 -13.65 -21.92 -30.30
CA ILE A 215 -13.02 -22.92 -29.42
C ILE A 215 -12.99 -22.36 -27.97
N VAL A 216 -12.53 -21.12 -27.83
CA VAL A 216 -12.40 -20.48 -26.53
C VAL A 216 -13.78 -20.35 -25.83
N ALA A 217 -14.78 -19.86 -26.55
CA ALA A 217 -16.13 -19.74 -25.99
C ALA A 217 -16.64 -21.08 -25.46
N HIS A 218 -16.40 -22.13 -26.25
CA HIS A 218 -16.87 -23.47 -25.93
C HIS A 218 -16.19 -23.93 -24.64
N ASN A 219 -14.89 -23.67 -24.52
CA ASN A 219 -14.17 -24.08 -23.31
C ASN A 219 -14.58 -23.28 -22.07
N PHE A 220 -14.97 -22.01 -22.25
CA PHE A 220 -15.54 -21.29 -21.11
C PHE A 220 -16.87 -21.91 -20.65
N LEU A 221 -17.72 -22.27 -21.62
CA LEU A 221 -19.01 -22.89 -21.27
C LEU A 221 -18.80 -24.24 -20.57
N LEU A 222 -17.91 -25.07 -21.12
CA LEU A 222 -17.67 -26.38 -20.51
C LEU A 222 -17.04 -26.23 -19.12
N SER A 223 -16.15 -25.24 -18.99
CA SER A 223 -15.47 -25.00 -17.69
C SER A 223 -16.46 -24.49 -16.64
N HIS A 224 -17.32 -23.57 -17.06
CA HIS A 224 -18.37 -23.10 -16.16
C HIS A 224 -19.24 -24.27 -15.69
N ALA A 225 -19.66 -25.12 -16.63
CA ALA A 225 -20.53 -26.24 -16.31
C ALA A 225 -19.86 -27.23 -15.36
N ALA A 226 -18.55 -27.43 -15.55
CA ALA A 226 -17.82 -28.41 -14.73
C ALA A 226 -17.69 -27.86 -13.32
N ALA A 227 -17.41 -26.55 -13.23
CA ALA A 227 -17.24 -25.94 -11.90
C ALA A 227 -18.56 -25.97 -11.12
N VAL A 228 -19.66 -25.63 -11.81
CA VAL A 228 -20.98 -25.66 -11.18
C VAL A 228 -21.37 -27.06 -10.75
N ALA A 229 -21.09 -28.06 -11.60
CA ALA A 229 -21.38 -29.44 -11.22
C ALA A 229 -20.63 -29.85 -9.95
N ARG A 230 -19.40 -29.38 -9.82
CA ARG A 230 -18.61 -29.64 -8.60
C ARG A 230 -19.23 -28.94 -7.41
N TYR A 231 -19.62 -27.67 -7.57
CA TYR A 231 -20.33 -26.98 -6.49
C TYR A 231 -21.57 -27.73 -6.04
N ARG A 232 -22.39 -28.12 -7.01
CA ARG A 232 -23.69 -28.72 -6.70
C ARG A 232 -23.55 -30.09 -6.04
N THR A 233 -22.58 -30.88 -6.51
CA THR A 233 -22.41 -32.23 -5.98
C THR A 233 -21.62 -32.32 -4.69
N LYS A 234 -20.72 -31.35 -4.44
CA LYS A 234 -19.82 -31.46 -3.28
C LYS A 234 -20.06 -30.45 -2.18
N TYR A 235 -20.48 -29.23 -2.53
CA TYR A 235 -20.54 -28.13 -1.55
C TYR A 235 -21.90 -27.54 -1.26
N GLN A 236 -22.82 -27.62 -2.21
CA GLN A 236 -24.07 -26.87 -2.09
C GLN A 236 -24.97 -27.33 -0.94
N ALA A 237 -25.01 -28.64 -0.68
CA ALA A 237 -25.87 -29.11 0.42
C ALA A 237 -25.51 -28.43 1.76
N ALA A 238 -24.23 -28.35 2.06
CA ALA A 238 -23.75 -27.73 3.29
C ALA A 238 -23.77 -26.20 3.20
N GLN A 239 -23.35 -25.67 2.06
CA GLN A 239 -23.12 -24.22 1.96
C GLN A 239 -24.35 -23.40 1.55
N GLN A 240 -25.26 -24.01 0.79
CA GLN A 240 -26.52 -23.33 0.41
C GLN A 240 -26.32 -21.96 -0.28
N GLY A 241 -25.34 -21.90 -1.18
CA GLY A 241 -25.10 -20.71 -2.00
C GLY A 241 -25.47 -20.97 -3.45
N LYS A 242 -25.06 -20.04 -4.29
CA LYS A 242 -25.46 -20.01 -5.70
C LYS A 242 -24.24 -19.65 -6.53
N VAL A 243 -24.24 -20.11 -7.79
CA VAL A 243 -23.17 -19.79 -8.72
C VAL A 243 -23.80 -19.34 -10.05
N GLY A 244 -23.39 -18.17 -10.54
CA GLY A 244 -23.81 -17.70 -11.87
C GLY A 244 -22.63 -17.43 -12.78
N ILE A 245 -22.87 -16.65 -13.84
CA ILE A 245 -21.84 -16.31 -14.83
C ILE A 245 -22.19 -14.88 -15.30
N VAL A 246 -21.16 -14.14 -15.69
CA VAL A 246 -21.33 -12.75 -16.10
C VAL A 246 -21.08 -12.64 -17.60
N LEU A 247 -22.07 -12.10 -18.31
CA LEU A 247 -22.01 -11.99 -19.76
C LEU A 247 -22.23 -10.56 -20.17
N ASP A 248 -21.48 -10.07 -21.16
CA ASP A 248 -21.78 -8.71 -21.65
C ASP A 248 -22.90 -8.72 -22.66
N PHE A 249 -23.71 -7.67 -22.61
CA PHE A 249 -24.75 -7.56 -23.61
C PHE A 249 -24.98 -6.08 -23.85
N ASN A 250 -24.72 -5.65 -25.08
CA ASN A 250 -25.13 -4.30 -25.47
C ASN A 250 -26.24 -4.42 -26.50
N TRP A 251 -27.12 -3.42 -26.55
CA TRP A 251 -28.34 -3.54 -27.31
C TRP A 251 -28.11 -3.32 -28.81
N TYR A 252 -28.91 -4.01 -29.61
CA TYR A 252 -28.95 -3.80 -31.08
C TYR A 252 -30.38 -3.48 -31.46
N GLU A 253 -30.55 -2.36 -32.17
CA GLU A 253 -31.84 -1.87 -32.64
C GLU A 253 -31.81 -1.83 -34.15
N ALA A 254 -32.80 -2.44 -34.80
CA ALA A 254 -32.88 -2.38 -36.27
C ALA A 254 -32.96 -0.93 -36.73
N LEU A 255 -32.17 -0.59 -37.74
CA LEU A 255 -32.11 0.80 -38.26
C LEU A 255 -33.45 1.22 -38.84
N SER A 256 -34.11 0.28 -39.50
CA SER A 256 -35.46 0.48 -40.04
C SER A 256 -36.27 -0.76 -39.75
N ASN A 257 -37.55 -0.74 -40.11
CA ASN A 257 -38.40 -1.90 -39.90
C ASN A 257 -38.40 -2.89 -41.06
N SER A 258 -37.47 -2.74 -41.99
CA SER A 258 -37.30 -3.71 -43.07
C SER A 258 -37.01 -5.11 -42.52
N THR A 259 -37.44 -6.13 -43.25
CA THR A 259 -37.17 -7.52 -42.89
C THR A 259 -35.65 -7.74 -42.72
N GLU A 260 -34.85 -7.20 -43.64
CA GLU A 260 -33.39 -7.35 -43.60
C GLU A 260 -32.77 -6.64 -42.38
N ASP A 261 -33.22 -5.42 -42.07
CA ASP A 261 -32.64 -4.73 -40.88
C ASP A 261 -33.06 -5.42 -39.59
N GLN A 262 -34.31 -5.85 -39.52
CA GLN A 262 -34.78 -6.58 -38.34
C GLN A 262 -34.01 -7.88 -38.15
N ALA A 263 -33.75 -8.59 -39.25
CA ALA A 263 -32.99 -9.84 -39.19
C ALA A 263 -31.55 -9.59 -38.76
N ALA A 264 -30.97 -8.50 -39.23
CA ALA A 264 -29.61 -8.15 -38.85
C ALA A 264 -29.53 -7.90 -37.35
N ALA A 265 -30.47 -7.13 -36.83
CA ALA A 265 -30.43 -6.80 -35.39
C ALA A 265 -30.56 -8.07 -34.57
N GLN A 266 -31.41 -8.99 -35.02
CA GLN A 266 -31.59 -10.25 -34.30
C GLN A 266 -30.34 -11.12 -34.43
N ARG A 267 -29.68 -11.12 -35.59
CA ARG A 267 -28.44 -11.89 -35.72
C ARG A 267 -27.39 -11.40 -34.75
N ALA A 268 -27.27 -10.08 -34.64
CA ALA A 268 -26.32 -9.50 -33.69
C ALA A 268 -26.64 -9.95 -32.27
N ARG A 269 -27.91 -9.89 -31.85
CA ARG A 269 -28.26 -10.38 -30.51
C ARG A 269 -27.84 -11.83 -30.30
N ASP A 270 -28.12 -12.66 -31.29
CA ASP A 270 -27.77 -14.07 -31.20
C ASP A 270 -26.25 -14.31 -31.13
N PHE A 271 -25.49 -13.60 -31.95
CA PHE A 271 -24.02 -13.77 -31.94
C PHE A 271 -23.37 -13.15 -30.73
N HIS A 272 -24.06 -12.21 -30.08
CA HIS A 272 -23.53 -11.49 -28.92
C HIS A 272 -23.89 -12.17 -27.59
N ILE A 273 -25.18 -12.25 -27.29
CA ILE A 273 -25.62 -12.84 -26.02
C ILE A 273 -26.12 -14.28 -26.21
N GLY A 274 -26.78 -14.54 -27.34
CA GLY A 274 -27.30 -15.89 -27.61
C GLY A 274 -26.21 -16.98 -27.59
N TRP A 275 -25.01 -16.61 -28.04
CA TRP A 275 -23.84 -17.48 -28.05
C TRP A 275 -23.67 -18.23 -26.73
N TYR A 276 -23.94 -17.53 -25.62
CA TYR A 276 -23.84 -18.09 -24.27
C TYR A 276 -25.19 -18.45 -23.65
N LEU A 277 -26.20 -17.60 -23.85
CA LEU A 277 -27.51 -17.85 -23.21
C LEU A 277 -28.27 -19.03 -23.79
N ASP A 278 -28.17 -19.26 -25.10
CA ASP A 278 -28.85 -20.41 -25.64
C ASP A 278 -28.28 -21.71 -25.06
N PRO A 279 -26.94 -21.85 -25.02
CA PRO A 279 -26.41 -22.98 -24.24
C PRO A 279 -26.85 -23.04 -22.79
N LEU A 280 -26.68 -21.93 -22.06
CA LEU A 280 -26.95 -21.97 -20.64
C LEU A 280 -28.43 -22.17 -20.28
N ILE A 281 -29.34 -21.67 -21.11
CA ILE A 281 -30.76 -21.78 -20.81
C ILE A 281 -31.43 -22.93 -21.57
N ASN A 282 -31.05 -23.10 -22.84
CA ASN A 282 -31.74 -24.02 -23.73
C ASN A 282 -30.91 -25.23 -24.12
N GLY A 283 -29.62 -25.21 -23.77
CA GLY A 283 -28.78 -26.39 -24.05
C GLY A 283 -28.32 -26.56 -25.49
N HIS A 284 -28.30 -25.49 -26.27
CA HIS A 284 -27.74 -25.53 -27.63
C HIS A 284 -27.28 -24.15 -28.05
N TYR A 285 -26.37 -24.08 -29.03
CA TYR A 285 -26.05 -22.78 -29.61
C TYR A 285 -27.21 -22.21 -30.42
N PRO A 286 -27.25 -20.88 -30.63
CA PRO A 286 -28.32 -20.33 -31.47
C PRO A 286 -28.33 -20.97 -32.85
N GLN A 287 -29.53 -21.21 -33.36
CA GLN A 287 -29.69 -21.82 -34.67
C GLN A 287 -28.90 -21.06 -35.74
N ILE A 288 -28.93 -19.73 -35.70
CA ILE A 288 -28.30 -18.95 -36.76
C ILE A 288 -26.76 -19.14 -36.75
N MET A 289 -26.21 -19.29 -35.55
CA MET A 289 -24.78 -19.55 -35.44
C MET A 289 -24.47 -20.95 -35.98
N GLN A 290 -25.28 -21.94 -35.64
CA GLN A 290 -25.15 -23.26 -36.26
C GLN A 290 -25.18 -23.20 -37.79
N ASP A 291 -26.12 -22.43 -38.33
CA ASP A 291 -26.32 -22.32 -39.78
C ASP A 291 -25.19 -21.60 -40.49
N LEU A 292 -24.64 -20.56 -39.87
CA LEU A 292 -23.64 -19.73 -40.54
C LEU A 292 -22.20 -20.12 -40.24
N VAL A 293 -21.95 -20.58 -39.01
CA VAL A 293 -20.58 -20.90 -38.59
C VAL A 293 -20.25 -22.36 -38.90
N LYS A 294 -21.30 -23.19 -38.95
CA LYS A 294 -21.17 -24.58 -39.45
C LYS A 294 -20.10 -25.35 -38.66
N ASP A 295 -19.15 -26.00 -39.33
CA ASP A 295 -18.23 -26.90 -38.62
C ASP A 295 -17.17 -26.18 -37.77
N ARG A 296 -17.09 -24.86 -37.90
CA ARG A 296 -16.23 -24.07 -37.03
C ARG A 296 -16.86 -23.84 -35.65
N LEU A 297 -18.14 -24.14 -35.51
CA LEU A 297 -18.78 -24.04 -34.21
C LEU A 297 -18.75 -25.43 -33.57
N PRO A 298 -18.07 -25.58 -32.43
CA PRO A 298 -18.03 -26.92 -31.79
C PRO A 298 -19.42 -27.41 -31.42
N LYS A 299 -19.56 -28.73 -31.35
CA LYS A 299 -20.83 -29.35 -31.04
C LYS A 299 -20.80 -29.91 -29.64
N PHE A 300 -21.73 -29.50 -28.80
CA PHE A 300 -21.91 -30.17 -27.51
C PHE A 300 -22.42 -31.59 -27.75
N THR A 301 -21.85 -32.56 -27.05
CA THR A 301 -22.49 -33.88 -26.97
C THR A 301 -23.80 -33.71 -26.19
N PRO A 302 -24.76 -34.65 -26.36
CA PRO A 302 -25.96 -34.55 -25.52
C PRO A 302 -25.62 -34.45 -24.01
N GLU A 303 -24.63 -35.19 -23.55
CA GLU A 303 -24.25 -35.14 -22.12
C GLU A 303 -23.71 -33.75 -21.71
N GLN A 304 -22.86 -33.18 -22.55
CA GLN A 304 -22.29 -31.86 -22.25
C GLN A 304 -23.38 -30.81 -22.28
N ALA A 305 -24.26 -30.87 -23.28
CA ALA A 305 -25.38 -29.94 -23.36
C ALA A 305 -26.25 -29.99 -22.10
N ARG A 306 -26.51 -31.18 -21.56
CA ARG A 306 -27.31 -31.33 -20.34
C ARG A 306 -26.55 -30.83 -19.10
N LEU A 307 -25.21 -30.88 -19.12
CA LEU A 307 -24.40 -30.29 -18.04
C LEU A 307 -24.41 -28.77 -18.05
N VAL A 308 -24.39 -28.21 -19.26
CA VAL A 308 -24.40 -26.76 -19.45
C VAL A 308 -25.80 -26.14 -19.22
N LYS A 309 -26.83 -26.79 -19.79
CA LYS A 309 -28.19 -26.30 -19.60
C LYS A 309 -28.51 -26.20 -18.10
N GLY A 310 -29.01 -25.04 -17.68
CA GLY A 310 -29.44 -24.84 -16.29
C GLY A 310 -28.30 -24.71 -15.28
N SER A 311 -27.09 -24.54 -15.77
CA SER A 311 -25.91 -24.44 -14.89
C SER A 311 -25.66 -23.05 -14.34
N ALA A 312 -26.52 -22.07 -14.63
CA ALA A 312 -26.35 -20.75 -14.00
C ALA A 312 -27.54 -20.47 -13.11
N ASP A 313 -27.28 -20.21 -11.84
CA ASP A 313 -28.36 -19.92 -10.90
C ASP A 313 -28.89 -18.53 -11.10
N TYR A 314 -28.06 -17.65 -11.67
CA TYR A 314 -28.50 -16.32 -12.12
C TYR A 314 -27.56 -15.89 -13.22
N ILE A 315 -28.02 -14.94 -14.01
CA ILE A 315 -27.21 -14.47 -15.12
C ILE A 315 -26.79 -13.03 -14.85
N GLY A 316 -25.48 -12.79 -14.72
CA GLY A 316 -25.00 -11.42 -14.64
C GLY A 316 -24.95 -10.84 -16.04
N ILE A 317 -25.54 -9.66 -16.19
CA ILE A 317 -25.48 -8.94 -17.46
C ILE A 317 -24.72 -7.63 -17.27
N ASN A 318 -23.64 -7.45 -18.05
CA ASN A 318 -22.88 -6.22 -18.14
C ASN A 318 -23.41 -5.37 -19.29
N GLN A 319 -23.97 -4.21 -18.98
CA GLN A 319 -24.74 -3.41 -19.95
C GLN A 319 -24.22 -1.98 -19.97
N TYR A 320 -23.86 -1.50 -21.17
CA TYR A 320 -23.43 -0.10 -21.32
C TYR A 320 -24.16 0.69 -22.37
N THR A 321 -24.42 0.09 -23.52
CA THR A 321 -24.72 0.91 -24.71
C THR A 321 -25.62 0.20 -25.72
N ALA A 322 -25.82 0.85 -26.86
CA ALA A 322 -26.73 0.35 -27.92
C ALA A 322 -26.18 0.79 -29.25
N SER A 323 -26.52 0.03 -30.30
CA SER A 323 -26.13 0.35 -31.67
C SER A 323 -27.32 0.13 -32.57
N TYR A 324 -27.44 0.94 -33.64
CA TYR A 324 -28.34 0.58 -34.73
C TYR A 324 -27.68 -0.50 -35.61
N MET A 325 -28.49 -1.34 -36.24
CA MET A 325 -27.98 -2.39 -37.12
C MET A 325 -28.69 -2.33 -38.46
N LYS A 326 -27.88 -2.46 -39.52
CA LYS A 326 -28.36 -2.49 -40.91
C LYS A 326 -27.99 -3.87 -41.50
N GLY A 327 -28.83 -4.43 -42.35
CA GLY A 327 -28.47 -5.70 -42.97
C GLY A 327 -28.89 -5.83 -44.42
N GLN A 328 -28.43 -6.89 -45.04
CA GLN A 328 -28.82 -7.24 -46.42
C GLN A 328 -29.08 -8.73 -46.49
N GLN A 329 -29.22 -9.26 -47.71
CA GLN A 329 -29.37 -10.70 -47.88
C GLN A 329 -28.10 -11.43 -47.44
N LEU A 330 -28.28 -12.54 -46.75
CA LEU A 330 -27.17 -13.39 -46.32
C LEU A 330 -26.49 -14.01 -47.52
N MET A 331 -25.16 -13.98 -47.52
CA MET A 331 -24.43 -14.55 -48.64
C MET A 331 -23.40 -15.56 -48.20
N GLN A 332 -23.09 -16.48 -49.10
CA GLN A 332 -21.99 -17.42 -48.89
C GLN A 332 -20.69 -16.63 -48.98
N GLN A 333 -19.83 -16.81 -47.97
CA GLN A 333 -18.55 -16.10 -47.89
C GLN A 333 -17.50 -17.01 -47.25
N THR A 334 -16.26 -16.89 -47.74
CA THR A 334 -15.11 -17.54 -47.11
C THR A 334 -15.03 -17.02 -45.67
N PRO A 335 -14.99 -17.92 -44.69
CA PRO A 335 -14.86 -17.46 -43.30
C PRO A 335 -13.59 -16.64 -43.10
N THR A 336 -13.72 -15.54 -42.37
CA THR A 336 -12.60 -14.70 -41.97
C THR A 336 -12.51 -14.50 -40.45
N SER A 337 -13.65 -14.32 -39.78
CA SER A 337 -13.62 -13.99 -38.34
C SER A 337 -14.97 -14.14 -37.68
N TYR A 338 -14.97 -14.35 -36.37
CA TYR A 338 -16.20 -14.32 -35.60
C TYR A 338 -16.99 -13.04 -35.91
N SER A 339 -16.30 -11.89 -35.90
CA SER A 339 -16.98 -10.62 -36.14
C SER A 339 -17.66 -10.58 -37.51
N ALA A 340 -16.94 -11.03 -38.55
CA ALA A 340 -17.50 -11.03 -39.91
C ALA A 340 -18.62 -12.02 -40.11
N ASP A 341 -18.66 -13.06 -39.26
CA ASP A 341 -19.67 -14.12 -39.38
C ASP A 341 -21.10 -13.59 -39.18
N TRP A 342 -21.25 -12.48 -38.44
CA TRP A 342 -22.60 -11.96 -38.15
C TRP A 342 -23.32 -11.44 -39.39
N GLN A 343 -22.53 -11.03 -40.39
CA GLN A 343 -23.05 -10.37 -41.61
C GLN A 343 -23.99 -9.21 -41.27
N VAL A 344 -23.48 -8.28 -40.47
CA VAL A 344 -24.25 -7.06 -40.11
C VAL A 344 -23.43 -5.80 -40.34
N THR A 345 -24.13 -4.67 -40.37
CA THR A 345 -23.51 -3.37 -40.54
C THR A 345 -23.94 -2.48 -39.37
N TYR A 346 -22.96 -2.04 -38.59
CA TYR A 346 -23.19 -1.16 -37.45
C TYR A 346 -23.51 0.26 -37.93
N VAL A 347 -24.47 0.91 -37.26
CA VAL A 347 -24.90 2.27 -37.56
C VAL A 347 -25.11 2.99 -36.22
N PHE A 348 -24.56 4.18 -36.11
CA PHE A 348 -24.59 4.94 -34.85
C PHE A 348 -25.35 6.26 -34.95
N ALA A 349 -26.10 6.43 -36.04
CA ALA A 349 -26.99 7.58 -36.21
C ALA A 349 -28.26 7.16 -36.96
N LYS A 350 -29.36 7.84 -36.65
CA LYS A 350 -30.62 7.61 -37.32
C LYS A 350 -31.32 8.95 -37.42
N ASN A 351 -31.96 9.21 -38.56
CA ASN A 351 -32.59 10.51 -38.85
C ASN A 351 -31.66 11.69 -38.60
N GLY A 352 -30.38 11.53 -38.92
CA GLY A 352 -29.41 12.60 -38.79
C GLY A 352 -28.92 12.88 -37.38
N LYS A 353 -29.33 12.03 -36.43
CA LYS A 353 -28.95 12.18 -35.02
C LYS A 353 -28.15 10.98 -34.53
N PRO A 354 -27.07 11.23 -33.78
CA PRO A 354 -26.35 10.10 -33.17
C PRO A 354 -27.26 9.38 -32.19
N ILE A 355 -27.02 8.08 -31.99
CA ILE A 355 -27.81 7.30 -31.05
C ILE A 355 -27.69 7.85 -29.63
N GLY A 356 -26.53 8.40 -29.30
CA GLY A 356 -26.36 9.12 -28.03
C GLY A 356 -25.02 9.83 -28.05
N PRO A 357 -24.76 10.69 -27.05
CA PRO A 357 -23.41 11.26 -26.89
C PRO A 357 -22.47 10.19 -26.35
N GLN A 358 -21.17 10.36 -26.54
CA GLN A 358 -20.19 9.40 -26.04
C GLN A 358 -19.62 9.84 -24.70
N ALA A 359 -19.30 8.86 -23.86
CA ALA A 359 -18.48 9.11 -22.66
C ALA A 359 -17.02 9.18 -23.12
N ASN A 360 -16.06 8.99 -22.22
CA ASN A 360 -14.66 9.07 -22.63
C ASN A 360 -14.30 7.90 -23.58
N SER A 361 -14.80 6.71 -23.25
CA SER A 361 -14.55 5.56 -24.12
C SER A 361 -15.31 5.67 -25.42
N ASN A 362 -14.62 5.49 -26.54
CA ASN A 362 -15.24 5.76 -27.85
C ASN A 362 -16.44 4.88 -28.15
N TRP A 363 -16.43 3.66 -27.61
CA TRP A 363 -17.51 2.68 -27.82
C TRP A 363 -18.72 2.94 -26.93
N LEU A 364 -18.57 3.85 -25.97
CA LEU A 364 -19.61 4.00 -24.95
C LEU A 364 -20.55 5.16 -25.30
N TYR A 365 -21.57 4.85 -26.08
CA TYR A 365 -22.62 5.83 -26.36
C TYR A 365 -23.65 5.74 -25.26
N ILE A 366 -24.00 6.92 -24.75
CA ILE A 366 -24.94 7.01 -23.63
C ILE A 366 -26.34 6.87 -24.20
N VAL A 367 -26.91 5.67 -24.01
CA VAL A 367 -28.21 5.30 -24.60
C VAL A 367 -29.03 4.57 -23.55
N PRO A 368 -29.70 5.31 -22.65
CA PRO A 368 -30.35 4.63 -21.53
C PRO A 368 -31.38 3.59 -21.93
N TRP A 369 -32.09 3.83 -23.05
CA TRP A 369 -33.09 2.86 -23.50
C TRP A 369 -32.50 1.52 -23.93
N GLY A 370 -31.19 1.46 -24.13
CA GLY A 370 -30.54 0.16 -24.40
C GLY A 370 -30.64 -0.76 -23.19
N MET A 371 -30.69 -0.17 -21.98
CA MET A 371 -30.82 -0.97 -20.74
C MET A 371 -32.18 -1.67 -20.72
N TYR A 372 -33.24 -0.91 -21.00
CA TYR A 372 -34.56 -1.50 -21.14
C TYR A 372 -34.56 -2.56 -22.27
N GLY A 373 -33.96 -2.22 -23.41
CA GLY A 373 -33.97 -3.11 -24.57
C GLY A 373 -33.40 -4.49 -24.20
N CYS A 374 -32.21 -4.47 -23.63
CA CYS A 374 -31.52 -5.69 -23.22
C CYS A 374 -32.32 -6.53 -22.22
N VAL A 375 -32.80 -5.87 -21.17
CA VAL A 375 -33.46 -6.56 -20.08
C VAL A 375 -34.80 -7.14 -20.54
N ASN A 376 -35.56 -6.33 -21.28
CA ASN A 376 -36.80 -6.83 -21.85
C ASN A 376 -36.57 -7.99 -22.83
N TYR A 377 -35.51 -7.90 -23.62
CA TYR A 377 -35.23 -8.95 -24.61
C TYR A 377 -34.99 -10.28 -23.91
N ILE A 378 -34.14 -10.27 -22.87
CA ILE A 378 -33.82 -11.52 -22.15
C ILE A 378 -35.10 -12.05 -21.46
N LYS A 379 -35.90 -11.15 -20.91
CA LYS A 379 -37.13 -11.53 -20.26
C LYS A 379 -38.00 -12.32 -21.23
N GLN A 380 -38.24 -11.72 -22.39
CA GLN A 380 -39.18 -12.31 -23.36
C GLN A 380 -38.67 -13.54 -24.08
N LYS A 381 -37.35 -13.59 -24.31
CA LYS A 381 -36.80 -14.67 -25.15
C LYS A 381 -36.41 -15.92 -24.39
N TYR A 382 -35.90 -15.73 -23.17
CA TYR A 382 -35.29 -16.81 -22.40
C TYR A 382 -36.06 -17.26 -21.16
N GLY A 383 -37.37 -17.03 -21.14
CA GLY A 383 -38.17 -17.50 -20.02
C GLY A 383 -37.94 -16.71 -18.74
N ASN A 384 -37.55 -15.44 -18.89
CA ASN A 384 -37.41 -14.52 -17.73
C ASN A 384 -36.48 -15.07 -16.64
N PRO A 385 -35.23 -15.39 -17.00
CA PRO A 385 -34.31 -15.92 -16.00
C PRO A 385 -33.96 -14.85 -14.95
N THR A 386 -33.51 -15.27 -13.77
CA THR A 386 -33.01 -14.31 -12.78
C THR A 386 -31.75 -13.64 -13.34
N VAL A 387 -31.83 -12.32 -13.48
CA VAL A 387 -30.76 -11.49 -14.02
C VAL A 387 -30.24 -10.56 -12.91
N VAL A 388 -28.93 -10.33 -12.89
CA VAL A 388 -28.36 -9.32 -12.02
C VAL A 388 -27.61 -8.41 -12.96
N ILE A 389 -27.84 -7.09 -12.91
CA ILE A 389 -27.00 -6.20 -13.73
C ILE A 389 -25.67 -6.09 -12.98
N THR A 390 -24.63 -6.72 -13.51
CA THR A 390 -23.37 -6.89 -12.76
C THR A 390 -22.34 -5.83 -13.14
N GLU A 391 -22.62 -4.84 -14.19
CA GLU A 391 -21.78 -3.72 -14.54
C GLU A 391 -22.67 -2.80 -15.30
N ASN A 392 -22.48 -1.42 -14.88
CA ASN A 392 -23.11 -0.33 -15.65
C ASN A 392 -22.42 0.90 -15.14
N GLY A 393 -21.99 1.76 -16.05
CA GLY A 393 -21.37 3.02 -15.65
C GLY A 393 -20.76 3.70 -16.85
N MET A 394 -20.00 4.76 -16.61
CA MET A 394 -19.39 5.51 -17.70
C MET A 394 -18.10 6.18 -17.21
N ASP A 395 -17.30 6.63 -18.17
CA ASP A 395 -16.00 7.19 -17.83
C ASP A 395 -15.77 8.64 -18.18
N GLN A 396 -14.96 9.28 -17.33
CA GLN A 396 -14.37 10.59 -17.57
C GLN A 396 -12.98 10.43 -18.18
N PRO A 397 -12.50 11.47 -18.87
CA PRO A 397 -11.18 11.42 -19.47
C PRO A 397 -10.06 11.72 -18.46
N ALA A 398 -8.83 11.60 -18.96
CA ALA A 398 -7.62 11.94 -18.21
C ALA A 398 -7.45 13.43 -18.01
N ASN A 399 -6.56 13.77 -17.09
CA ASN A 399 -5.99 15.13 -17.02
C ASN A 399 -6.92 16.19 -16.44
N LEU A 400 -8.05 15.78 -15.87
CA LEU A 400 -8.90 16.76 -15.17
C LEU A 400 -8.34 17.08 -13.78
N SER A 401 -8.80 18.18 -13.21
CA SER A 401 -8.47 18.49 -11.83
C SER A 401 -9.30 17.61 -10.91
N ARG A 402 -8.88 17.49 -9.65
CA ARG A 402 -9.66 16.80 -8.64
C ARG A 402 -11.12 17.28 -8.67
N ASP A 403 -11.34 18.59 -8.61
CA ASP A 403 -12.69 19.10 -8.54
C ASP A 403 -13.50 18.81 -9.79
N GLN A 404 -12.86 18.82 -10.95
CA GLN A 404 -13.54 18.42 -12.18
C GLN A 404 -13.99 16.95 -12.13
N TYR A 405 -13.14 16.06 -11.60
CA TYR A 405 -13.56 14.67 -11.41
C TYR A 405 -14.75 14.54 -10.47
N LEU A 406 -14.75 15.34 -9.40
CA LEU A 406 -15.78 15.20 -8.38
C LEU A 406 -17.13 15.72 -8.83
N ARG A 407 -17.12 16.72 -9.69
CA ARG A 407 -18.38 17.27 -10.14
C ARG A 407 -18.88 16.51 -11.36
N ASP A 408 -19.19 15.23 -11.16
CA ASP A 408 -19.46 14.34 -12.29
C ASP A 408 -20.94 14.30 -12.64
N THR A 409 -21.44 15.47 -12.99
CA THR A 409 -22.85 15.63 -13.29
C THR A 409 -23.34 14.71 -14.46
N THR A 410 -22.50 14.47 -15.46
CA THR A 410 -22.85 13.55 -16.56
C THR A 410 -23.06 12.12 -16.05
N ARG A 411 -22.25 11.71 -15.06
CA ARG A 411 -22.41 10.36 -14.50
C ARG A 411 -23.67 10.27 -13.63
N VAL A 412 -23.93 11.32 -12.87
CA VAL A 412 -25.19 11.37 -12.12
C VAL A 412 -26.38 11.19 -13.08
N HIS A 413 -26.36 11.91 -14.21
CA HIS A 413 -27.45 11.81 -15.20
C HIS A 413 -27.49 10.39 -15.79
N PHE A 414 -26.32 9.83 -16.04
CA PHE A 414 -26.22 8.48 -16.57
C PHE A 414 -26.93 7.47 -15.66
N TYR A 415 -26.59 7.48 -14.38
CA TYR A 415 -27.20 6.49 -13.48
C TYR A 415 -28.68 6.76 -13.29
N ARG A 416 -29.09 8.02 -13.16
CA ARG A 416 -30.52 8.30 -13.02
C ARG A 416 -31.30 7.79 -14.23
N SER A 417 -30.79 8.05 -15.42
CA SER A 417 -31.50 7.64 -16.66
C SER A 417 -31.48 6.13 -16.88
N TYR A 418 -30.30 5.52 -16.72
CA TYR A 418 -30.23 4.05 -16.89
C TYR A 418 -31.02 3.28 -15.85
N LEU A 419 -30.98 3.74 -14.59
CA LEU A 419 -31.75 3.07 -13.54
C LEU A 419 -33.25 3.30 -13.75
N THR A 420 -33.62 4.44 -14.33
CA THR A 420 -35.03 4.66 -14.66
C THR A 420 -35.53 3.68 -15.72
N GLN A 421 -34.67 3.39 -16.70
CA GLN A 421 -34.97 2.42 -17.71
C GLN A 421 -35.02 1.00 -17.16
N LEU A 422 -34.08 0.66 -16.26
CA LEU A 422 -34.10 -0.66 -15.62
C LEU A 422 -35.40 -0.84 -14.82
N LYS A 423 -35.76 0.19 -14.05
CA LYS A 423 -36.99 0.20 -13.28
C LYS A 423 -38.18 -0.06 -14.20
N LYS A 424 -38.17 0.55 -15.39
CA LYS A 424 -39.26 0.36 -16.37
C LYS A 424 -39.39 -1.13 -16.72
N ALA A 425 -38.27 -1.77 -17.03
CA ALA A 425 -38.27 -3.22 -17.35
C ALA A 425 -38.73 -4.07 -16.18
N ILE A 426 -38.27 -3.74 -14.97
CA ILE A 426 -38.64 -4.50 -13.78
C ILE A 426 -40.15 -4.35 -13.52
N ASP A 427 -40.67 -3.13 -13.69
CA ASP A 427 -42.08 -2.90 -13.42
C ASP A 427 -42.98 -3.62 -14.44
N GLU A 428 -42.42 -3.95 -15.61
CA GLU A 428 -43.10 -4.75 -16.61
C GLU A 428 -42.91 -6.26 -16.38
N GLY A 429 -42.16 -6.63 -15.35
CA GLY A 429 -42.07 -8.02 -14.95
C GLY A 429 -40.73 -8.71 -15.09
N ALA A 430 -39.71 -7.97 -15.51
CA ALA A 430 -38.38 -8.59 -15.64
C ALA A 430 -37.83 -9.03 -14.29
N ASN A 431 -37.27 -10.23 -14.27
CA ASN A 431 -36.78 -10.86 -13.06
C ASN A 431 -35.34 -10.40 -12.76
N VAL A 432 -35.17 -9.11 -12.47
CA VAL A 432 -33.86 -8.57 -12.13
C VAL A 432 -33.73 -8.49 -10.61
N ALA A 433 -32.68 -9.08 -10.06
CA ALA A 433 -32.52 -9.23 -8.61
C ALA A 433 -31.56 -8.22 -8.00
N GLY A 434 -30.75 -7.58 -8.83
CA GLY A 434 -29.80 -6.62 -8.32
C GLY A 434 -29.11 -5.83 -9.41
N TYR A 435 -28.29 -4.86 -8.96
CA TYR A 435 -27.62 -3.93 -9.85
C TYR A 435 -26.32 -3.48 -9.21
N PHE A 436 -25.24 -3.56 -9.98
CA PHE A 436 -23.88 -3.20 -9.55
C PHE A 436 -23.26 -2.13 -10.45
N ALA A 437 -22.82 -1.03 -9.84
CA ALA A 437 -22.24 0.09 -10.57
C ALA A 437 -20.77 -0.19 -10.85
N TRP A 438 -20.37 -0.14 -12.12
CA TRP A 438 -18.94 -0.18 -12.46
C TRP A 438 -18.45 1.28 -12.53
N SER A 439 -17.57 1.75 -11.64
CA SER A 439 -16.92 1.00 -10.57
C SER A 439 -17.00 1.79 -9.26
N LEU A 440 -16.76 1.12 -8.14
CA LEU A 440 -16.56 1.85 -6.87
C LEU A 440 -15.48 2.92 -7.03
N LEU A 441 -14.38 2.55 -7.67
CA LEU A 441 -13.16 3.38 -7.72
C LEU A 441 -12.69 3.58 -9.15
N ASP A 442 -12.12 4.75 -9.46
CA ASP A 442 -11.32 4.89 -10.68
C ASP A 442 -10.23 3.82 -10.56
N ASN A 443 -9.88 3.22 -11.69
CA ASN A 443 -8.98 2.07 -11.61
C ASN A 443 -8.22 1.85 -12.91
N PHE A 444 -7.52 0.71 -13.01
CA PHE A 444 -6.73 0.40 -14.21
C PHE A 444 -7.67 -0.09 -15.30
N GLU A 445 -7.88 0.74 -16.32
CA GLU A 445 -8.82 0.45 -17.40
C GLU A 445 -8.14 -0.21 -18.60
N TRP A 446 -7.51 -1.34 -18.32
CA TRP A 446 -6.94 -2.21 -19.36
C TRP A 446 -6.08 -1.44 -20.39
N LEU A 447 -6.42 -1.47 -21.68
CA LEU A 447 -5.57 -0.77 -22.69
C LEU A 447 -5.48 0.73 -22.48
N SER A 448 -6.49 1.31 -21.82
CA SER A 448 -6.54 2.74 -21.53
C SER A 448 -5.74 3.10 -20.28
N GLY A 449 -5.24 2.09 -19.55
CA GLY A 449 -4.49 2.36 -18.32
C GLY A 449 -5.29 3.25 -17.39
N TYR A 450 -4.64 4.29 -16.86
CA TYR A 450 -5.29 5.19 -15.91
C TYR A 450 -5.89 6.44 -16.57
N THR A 451 -6.04 6.39 -17.90
CA THR A 451 -6.56 7.52 -18.66
C THR A 451 -8.08 7.53 -18.76
N SER A 452 -8.72 6.48 -18.25
CA SER A 452 -10.19 6.37 -18.23
C SER A 452 -10.65 6.20 -16.78
N LYS A 453 -11.57 7.06 -16.34
CA LYS A 453 -12.01 7.09 -14.94
C LYS A 453 -13.48 6.68 -14.84
N PHE A 454 -13.72 5.44 -14.39
CA PHE A 454 -15.10 4.90 -14.28
C PHE A 454 -15.70 4.98 -12.87
N GLY A 455 -14.93 5.49 -11.91
CA GLY A 455 -15.39 5.39 -10.53
C GLY A 455 -16.51 6.35 -10.13
N ILE A 456 -17.32 5.92 -9.18
CA ILE A 456 -18.10 6.88 -8.40
C ILE A 456 -17.27 7.52 -7.27
N VAL A 457 -16.11 6.91 -6.98
CA VAL A 457 -15.12 7.48 -6.06
C VAL A 457 -13.85 7.80 -6.87
N TYR A 458 -13.39 9.05 -6.77
CA TYR A 458 -12.17 9.50 -7.42
C TYR A 458 -10.97 8.92 -6.67
N VAL A 459 -9.99 8.41 -7.42
CA VAL A 459 -8.71 8.01 -6.84
C VAL A 459 -7.63 8.91 -7.43
N ASP A 460 -6.90 9.59 -6.55
CA ASP A 460 -5.74 10.36 -6.96
C ASP A 460 -4.62 9.35 -7.14
N PHE A 461 -4.16 9.14 -8.37
CA PHE A 461 -3.17 8.09 -8.60
C PHE A 461 -1.74 8.45 -8.21
N ASN A 462 -1.55 9.69 -7.79
CA ASN A 462 -0.28 10.07 -7.19
C ASN A 462 -0.21 9.77 -5.70
N THR A 463 -1.26 10.17 -4.98
CA THR A 463 -1.30 10.02 -3.53
C THR A 463 -2.07 8.78 -3.06
N LEU A 464 -2.87 8.20 -3.97
CA LEU A 464 -3.81 7.07 -3.72
C LEU A 464 -5.02 7.42 -2.86
N GLU A 465 -5.16 8.70 -2.51
CA GLU A 465 -6.35 9.17 -1.76
C GLU A 465 -7.65 8.93 -2.53
N ARG A 466 -8.68 8.58 -1.76
CA ARG A 466 -10.06 8.43 -2.27
C ARG A 466 -10.88 9.67 -1.95
N HIS A 467 -11.70 10.08 -2.90
CA HIS A 467 -12.64 11.21 -2.70
C HIS A 467 -13.95 10.87 -3.41
N PRO A 468 -15.05 10.71 -2.66
CA PRO A 468 -16.34 10.46 -3.36
C PRO A 468 -16.75 11.58 -4.32
N LYS A 469 -17.20 11.18 -5.51
CA LYS A 469 -17.71 12.12 -6.49
C LYS A 469 -19.19 12.41 -6.19
N ALA A 470 -19.75 13.37 -6.92
CA ALA A 470 -21.18 13.67 -6.79
C ALA A 470 -22.04 12.40 -6.99
N SER A 471 -21.65 11.55 -7.96
CA SER A 471 -22.40 10.30 -8.22
C SER A 471 -22.41 9.35 -7.01
N ALA A 472 -21.33 9.33 -6.24
CA ALA A 472 -21.31 8.56 -4.99
C ALA A 472 -22.36 9.07 -4.00
N TYR A 473 -22.47 10.39 -3.86
CA TYR A 473 -23.45 10.98 -2.95
C TYR A 473 -24.88 10.84 -3.51
N TRP A 474 -25.01 10.81 -4.83
CA TRP A 474 -26.29 10.50 -5.45
C TRP A 474 -26.72 9.10 -5.01
N PHE A 475 -25.83 8.12 -5.12
CA PHE A 475 -26.19 6.79 -4.67
C PHE A 475 -26.50 6.76 -3.17
N ARG A 476 -25.72 7.46 -2.37
CA ARG A 476 -25.96 7.50 -0.92
C ARG A 476 -27.39 7.96 -0.63
N ASP A 477 -27.81 9.02 -1.32
CA ASP A 477 -29.14 9.60 -1.13
C ASP A 477 -30.22 8.66 -1.65
N MET A 478 -29.99 8.08 -2.81
CA MET A 478 -30.97 7.17 -3.42
C MET A 478 -31.19 5.92 -2.57
N LEU A 479 -30.09 5.43 -1.98
CA LEU A 479 -30.07 4.12 -1.34
C LEU A 479 -30.33 4.15 0.16
N LYS A 480 -30.54 5.33 0.72
CA LYS A 480 -30.71 5.42 2.16
C LYS A 480 -31.90 4.56 2.63
N HIS A 481 -31.70 3.87 3.75
CA HIS A 481 -32.71 2.98 4.33
C HIS A 481 -33.63 3.78 5.22
N TRP B 11 -1.97 28.51 23.63
CA TRP B 11 -1.74 27.87 22.31
C TRP B 11 -0.27 28.04 21.92
N LEU B 12 0.14 29.09 21.20
CA LEU B 12 1.55 29.14 20.70
C LEU B 12 2.58 29.59 21.75
N GLY B 13 2.12 30.29 22.78
CA GLY B 13 2.99 30.75 23.86
C GLY B 13 4.13 31.63 23.38
N GLY B 14 3.83 32.50 22.41
CA GLY B 14 4.82 33.41 21.86
C GLY B 14 5.77 32.82 20.84
N LEU B 15 5.60 31.53 20.54
CA LEU B 15 6.48 30.86 19.58
C LEU B 15 5.99 31.07 18.16
N SER B 16 6.96 31.20 17.26
CA SER B 16 6.75 31.40 15.83
C SER B 16 8.13 31.31 15.19
N ARG B 17 8.17 31.38 13.86
CA ARG B 17 9.44 31.41 13.13
C ARG B 17 10.31 32.57 13.61
N ALA B 18 9.67 33.70 13.93
CA ALA B 18 10.40 34.89 14.38
C ALA B 18 11.11 34.67 15.72
N ALA B 19 10.67 33.67 16.46
CA ALA B 19 11.22 33.36 17.78
C ALA B 19 12.50 32.52 17.71
N PHE B 20 12.85 32.07 16.51
CA PHE B 20 14.03 31.24 16.30
C PHE B 20 14.94 31.92 15.27
N PRO B 21 16.22 31.52 15.22
CA PRO B 21 17.14 32.17 14.29
C PRO B 21 16.70 32.11 12.83
N LYS B 22 17.19 33.07 12.06
CA LYS B 22 16.97 33.09 10.63
C LYS B 22 17.52 31.78 10.08
N ARG B 23 16.76 31.16 9.20
CA ARG B 23 17.20 29.94 8.54
C ARG B 23 17.06 28.69 9.40
N PHE B 24 16.50 28.83 10.61
CA PHE B 24 16.29 27.67 11.50
C PHE B 24 15.38 26.65 10.82
N VAL B 25 15.77 25.38 10.89
CA VAL B 25 15.09 24.32 10.14
C VAL B 25 14.11 23.58 11.06
N PHE B 26 12.85 23.50 10.65
CA PHE B 26 11.85 22.70 11.37
C PHE B 26 11.40 21.53 10.49
N GLY B 27 11.42 20.33 11.08
CA GLY B 27 10.99 19.13 10.33
C GLY B 27 10.27 18.10 11.20
N THR B 28 9.90 16.99 10.55
CA THR B 28 9.42 15.80 11.26
C THR B 28 10.36 14.66 10.87
N VAL B 29 10.28 13.60 11.65
CA VAL B 29 11.18 12.47 11.48
C VAL B 29 10.43 11.15 11.56
N THR B 30 10.85 10.23 10.70
CA THR B 30 10.44 8.82 10.72
C THR B 30 11.71 7.94 10.53
N SER B 31 11.53 6.63 10.54
CA SER B 31 12.60 5.73 10.11
C SER B 31 12.00 4.67 9.20
N ALA B 32 12.87 4.05 8.41
CA ALA B 32 12.38 3.17 7.34
C ALA B 32 11.50 2.03 7.85
N TYR B 33 12.03 1.23 8.78
CA TYR B 33 11.25 0.08 9.24
C TYR B 33 9.99 0.49 9.96
N GLN B 34 10.04 1.65 10.59
CA GLN B 34 8.89 2.07 11.38
C GLN B 34 7.73 2.58 10.54
N VAL B 35 7.99 3.06 9.32
CA VAL B 35 6.89 3.60 8.50
C VAL B 35 6.72 3.02 7.11
N GLU B 36 7.77 2.44 6.51
CA GLU B 36 7.65 2.14 5.07
C GLU B 36 6.65 1.04 4.76
N GLY B 37 6.66 -0.04 5.55
CA GLY B 37 6.00 -1.27 5.10
C GLY B 37 6.74 -1.85 3.90
N MET B 38 6.05 -2.67 3.13
CA MET B 38 6.70 -3.42 2.04
C MET B 38 8.00 -4.09 2.50
N ALA B 39 7.95 -4.70 3.69
CA ALA B 39 9.18 -5.21 4.31
C ALA B 39 9.78 -6.37 3.51
N ALA B 40 8.92 -7.19 2.93
CA ALA B 40 9.38 -8.36 2.17
C ALA B 40 8.91 -8.26 0.74
N SER B 41 8.81 -7.01 0.26
CA SER B 41 8.37 -6.73 -1.10
C SER B 41 9.24 -5.67 -1.74
N GLY B 42 9.05 -5.43 -3.04
CA GLY B 42 9.85 -4.42 -3.73
C GLY B 42 11.33 -4.81 -3.78
N GLY B 43 11.61 -6.09 -3.54
CA GLY B 43 13.00 -6.61 -3.57
C GLY B 43 13.76 -6.48 -2.27
N ARG B 44 13.14 -5.91 -1.24
CA ARG B 44 13.85 -5.72 0.03
C ARG B 44 14.20 -7.05 0.68
N GLY B 45 15.45 -7.17 1.13
CA GLY B 45 15.89 -8.29 1.97
C GLY B 45 15.62 -8.03 3.44
N PRO B 46 15.62 -9.09 4.26
CA PRO B 46 15.32 -8.93 5.67
C PRO B 46 16.42 -8.22 6.46
N SER B 47 15.98 -7.44 7.44
CA SER B 47 16.90 -6.90 8.45
C SER B 47 16.85 -7.73 9.71
N ILE B 48 17.76 -7.45 10.64
CA ILE B 48 17.74 -8.13 11.95
C ILE B 48 16.40 -7.86 12.67
N TRP B 49 15.75 -6.73 12.37
CA TRP B 49 14.45 -6.44 12.97
C TRP B 49 13.29 -7.24 12.36
N ASP B 50 13.36 -7.56 11.06
CA ASP B 50 12.35 -8.45 10.49
C ASP B 50 12.37 -9.79 11.21
N ALA B 51 13.56 -10.37 11.37
CA ALA B 51 13.67 -11.67 12.02
C ALA B 51 13.19 -11.59 13.47
N PHE B 52 13.62 -10.54 14.17
CA PHE B 52 13.23 -10.34 15.57
C PHE B 52 11.71 -10.16 15.70
N ALA B 53 11.12 -9.30 14.88
CA ALA B 53 9.68 -9.02 15.05
C ALA B 53 8.79 -10.20 14.68
N HIS B 54 9.29 -11.07 13.80
CA HIS B 54 8.52 -12.25 13.39
C HIS B 54 8.60 -13.42 14.37
N THR B 55 9.41 -13.29 15.42
CA THR B 55 9.51 -14.31 16.46
C THR B 55 8.39 -14.10 17.48
N PRO B 56 7.51 -15.11 17.69
CA PRO B 56 6.42 -14.89 18.66
C PRO B 56 6.90 -14.44 20.05
N GLY B 57 6.21 -13.45 20.63
CA GLY B 57 6.52 -12.94 21.96
C GLY B 57 7.46 -11.76 21.97
N ASN B 58 8.16 -11.51 20.87
CA ASN B 58 9.19 -10.47 20.90
C ASN B 58 8.61 -9.05 20.91
N VAL B 59 7.47 -8.87 20.23
CA VAL B 59 6.85 -7.56 20.11
C VAL B 59 5.41 -7.58 20.64
N ALA B 60 4.95 -6.47 21.22
CA ALA B 60 3.55 -6.37 21.66
C ALA B 60 2.60 -6.89 20.59
N GLY B 61 1.71 -7.81 20.97
CA GLY B 61 0.70 -8.34 20.06
C GLY B 61 1.27 -9.15 18.91
N ASN B 62 2.56 -9.53 19.00
CA ASN B 62 3.25 -10.24 17.89
C ASN B 62 3.21 -9.43 16.60
N GLN B 63 3.20 -8.10 16.77
CA GLN B 63 3.18 -7.23 15.61
C GLN B 63 4.53 -7.01 14.99
N ASN B 64 4.52 -6.49 13.77
CA ASN B 64 5.75 -6.29 13.03
C ASN B 64 5.59 -5.14 12.03
N GLY B 65 6.67 -4.83 11.31
CA GLY B 65 6.65 -3.73 10.35
C GLY B 65 6.34 -4.15 8.94
N ASP B 66 5.71 -5.31 8.75
CA ASP B 66 5.46 -5.76 7.35
C ASP B 66 4.73 -4.70 6.52
N VAL B 67 3.71 -4.08 7.13
CA VAL B 67 2.91 -3.05 6.45
C VAL B 67 3.16 -1.68 7.07
N ALA B 68 3.30 -1.64 8.40
CA ALA B 68 3.54 -0.37 9.12
C ALA B 68 2.53 0.69 8.67
N THR B 69 3.00 1.86 8.24
CA THR B 69 2.06 2.91 7.78
C THR B 69 1.89 2.85 6.26
N ASP B 70 2.59 1.91 5.60
CA ASP B 70 2.54 1.82 4.13
C ASP B 70 2.99 3.12 3.44
N GLN B 71 3.95 3.82 4.04
CA GLN B 71 4.49 5.02 3.41
C GLN B 71 5.11 4.69 2.04
N TYR B 72 5.58 3.46 1.86
CA TYR B 72 6.09 3.04 0.56
C TYR B 72 5.12 3.37 -0.59
N HIS B 73 3.83 3.09 -0.37
CA HIS B 73 2.83 3.41 -1.39
C HIS B 73 2.28 4.84 -1.29
N ARG B 74 2.25 5.38 -0.09
CA ARG B 74 1.50 6.62 0.20
C ARG B 74 2.41 7.84 0.38
N TYR B 75 3.69 7.73 -0.01
CA TYR B 75 4.64 8.79 0.34
C TYR B 75 4.22 10.17 -0.17
N LYS B 76 3.58 10.26 -1.34
CA LYS B 76 3.11 11.58 -1.80
C LYS B 76 2.04 12.21 -0.91
N GLU B 77 1.13 11.38 -0.37
CA GLU B 77 0.15 11.87 0.59
C GLU B 77 0.90 12.45 1.78
N ASP B 78 1.88 11.71 2.26
CA ASP B 78 2.60 12.13 3.47
C ASP B 78 3.42 13.42 3.26
N VAL B 79 4.08 13.51 2.10
CA VAL B 79 4.83 14.73 1.76
C VAL B 79 3.86 15.93 1.63
N ASN B 80 2.71 15.72 0.97
CA ASN B 80 1.71 16.80 0.86
C ASN B 80 1.30 17.30 2.22
N LEU B 81 1.13 16.35 3.14
CA LEU B 81 0.74 16.64 4.49
C LEU B 81 1.81 17.48 5.21
N MET B 82 3.05 17.04 5.16
CA MET B 82 4.07 17.78 5.90
C MET B 82 4.23 19.19 5.34
N LYS B 83 4.05 19.34 4.02
CA LYS B 83 4.09 20.66 3.40
C LYS B 83 2.94 21.50 3.88
N SER B 84 1.73 20.91 3.94
CA SER B 84 0.55 21.65 4.42
C SER B 84 0.69 22.10 5.88
N LEU B 85 1.54 21.43 6.65
CA LEU B 85 1.75 21.78 8.05
C LEU B 85 2.93 22.74 8.21
N ASN B 86 3.47 23.21 7.10
CA ASN B 86 4.49 24.28 7.07
C ASN B 86 5.89 23.87 7.53
N PHE B 87 6.16 22.57 7.52
CA PHE B 87 7.53 22.10 7.80
C PHE B 87 8.49 22.40 6.65
N ASP B 88 9.79 22.49 6.95
CA ASP B 88 10.80 22.81 5.93
C ASP B 88 11.57 21.60 5.45
N ALA B 89 11.53 20.53 6.24
CA ALA B 89 12.48 19.44 6.11
C ALA B 89 11.83 18.14 6.61
N TYR B 90 12.35 17.03 6.10
CA TYR B 90 11.91 15.71 6.54
C TYR B 90 13.13 14.85 6.78
N ARG B 91 13.23 14.30 7.99
CA ARG B 91 14.31 13.37 8.30
C ARG B 91 13.74 11.96 8.16
N PHE B 92 14.34 11.18 7.27
CA PHE B 92 13.94 9.80 7.07
C PHE B 92 15.17 8.93 6.90
N SER B 93 15.01 7.61 6.94
CA SER B 93 16.15 6.75 6.70
C SER B 93 16.00 5.88 5.46
N ILE B 94 17.16 5.50 4.94
CA ILE B 94 17.24 4.51 3.87
C ILE B 94 17.48 3.16 4.51
N SER B 95 16.64 2.18 4.12
CA SER B 95 16.82 0.81 4.58
C SER B 95 17.94 0.15 3.76
N TRP B 96 19.04 -0.19 4.46
CA TRP B 96 20.20 -0.81 3.84
C TRP B 96 19.78 -2.05 3.05
N SER B 97 18.92 -2.87 3.63
CA SER B 97 18.54 -4.13 2.94
C SER B 97 17.51 -3.94 1.85
N ARG B 98 16.92 -2.75 1.76
CA ARG B 98 16.12 -2.41 0.58
C ARG B 98 16.99 -2.07 -0.64
N ILE B 99 18.19 -1.52 -0.40
CA ILE B 99 19.18 -1.22 -1.45
C ILE B 99 20.06 -2.44 -1.80
N PHE B 100 20.63 -3.06 -0.76
CA PHE B 100 21.47 -4.26 -0.89
C PHE B 100 20.81 -5.36 -0.07
N PRO B 101 19.97 -6.21 -0.70
CA PRO B 101 19.25 -7.20 0.08
C PRO B 101 20.16 -8.07 0.95
N ASP B 102 21.38 -8.32 0.49
CA ASP B 102 22.36 -9.11 1.27
C ASP B 102 23.37 -8.24 2.02
N GLY B 103 23.17 -6.92 1.96
CA GLY B 103 24.07 -5.96 2.63
C GLY B 103 25.32 -5.61 1.87
N GLU B 104 25.61 -6.38 0.82
CA GLU B 104 26.82 -6.22 0.00
C GLU B 104 26.45 -6.86 -1.33
N GLY B 105 27.18 -6.55 -2.39
CA GLY B 105 26.92 -7.23 -3.67
C GLY B 105 25.79 -6.59 -4.48
N ARG B 106 24.77 -7.38 -4.78
CA ARG B 106 23.74 -6.99 -5.75
C ARG B 106 22.85 -5.84 -5.27
N VAL B 107 22.65 -4.87 -6.16
CA VAL B 107 21.78 -3.72 -5.91
C VAL B 107 20.36 -4.05 -6.33
N ASN B 108 19.41 -3.71 -5.45
CA ASN B 108 18.00 -3.85 -5.76
C ASN B 108 17.48 -2.56 -6.39
N GLN B 109 17.38 -2.56 -7.72
CA GLN B 109 17.03 -1.33 -8.42
C GLN B 109 15.66 -0.77 -8.05
N GLU B 110 14.73 -1.65 -7.74
CA GLU B 110 13.39 -1.19 -7.33
C GLU B 110 13.46 -0.37 -6.04
N GLY B 111 14.33 -0.79 -5.13
CA GLY B 111 14.54 -0.07 -3.88
C GLY B 111 15.17 1.31 -4.12
N VAL B 112 16.19 1.36 -4.99
CA VAL B 112 16.80 2.62 -5.40
C VAL B 112 15.75 3.56 -5.99
N ALA B 113 14.87 3.00 -6.81
CA ALA B 113 13.83 3.80 -7.45
C ALA B 113 12.90 4.41 -6.41
N TYR B 114 12.59 3.66 -5.34
CA TYR B 114 11.72 4.21 -4.29
C TYR B 114 12.34 5.47 -3.67
N TYR B 115 13.60 5.39 -3.25
CA TYR B 115 14.22 6.53 -2.60
C TYR B 115 14.39 7.69 -3.58
N ASN B 116 14.68 7.36 -4.85
CA ASN B 116 14.72 8.44 -5.85
C ASN B 116 13.38 9.15 -5.95
N ASN B 117 12.31 8.37 -6.02
CA ASN B 117 10.97 8.97 -6.10
C ASN B 117 10.60 9.83 -4.89
N LEU B 118 10.91 9.35 -3.70
CA LEU B 118 10.67 10.09 -2.45
C LEU B 118 11.50 11.37 -2.40
N ILE B 119 12.80 11.25 -2.65
CA ILE B 119 13.67 12.42 -2.64
C ILE B 119 13.21 13.44 -3.68
N ASN B 120 12.91 12.97 -4.89
CA ASN B 120 12.49 13.88 -5.94
C ASN B 120 11.18 14.59 -5.58
N TYR B 121 10.24 13.86 -4.96
CA TYR B 121 8.97 14.47 -4.59
C TYR B 121 9.14 15.49 -3.46
N LEU B 122 9.96 15.15 -2.45
CA LEU B 122 10.29 16.10 -1.39
C LEU B 122 10.79 17.41 -1.97
N LEU B 123 11.77 17.33 -2.88
CA LEU B 123 12.35 18.53 -3.44
C LEU B 123 11.32 19.30 -4.29
N GLN B 124 10.49 18.56 -5.02
CA GLN B 124 9.46 19.19 -5.83
C GLN B 124 8.53 20.01 -4.94
N LYS B 125 8.27 19.50 -3.73
CA LYS B 125 7.34 20.14 -2.80
C LYS B 125 7.99 21.14 -1.84
N GLY B 126 9.27 21.40 -2.03
CA GLY B 126 10.02 22.39 -1.24
C GLY B 126 10.38 21.88 0.16
N ILE B 127 10.51 20.57 0.33
CA ILE B 127 10.88 19.98 1.62
C ILE B 127 12.31 19.40 1.52
N THR B 128 13.20 19.84 2.41
CA THR B 128 14.60 19.41 2.35
C THR B 128 14.75 18.00 2.94
N PRO B 129 15.31 17.05 2.17
CA PRO B 129 15.55 15.72 2.75
C PRO B 129 16.79 15.71 3.66
N TYR B 130 16.61 15.19 4.87
CA TYR B 130 17.71 14.88 5.79
C TYR B 130 17.74 13.37 5.90
N VAL B 131 18.82 12.75 5.43
CA VAL B 131 18.75 11.31 5.17
C VAL B 131 19.70 10.55 6.06
N ASN B 132 19.14 9.66 6.89
CA ASN B 132 19.94 8.75 7.70
C ASN B 132 20.23 7.47 6.94
N LEU B 133 21.47 6.99 7.02
CA LEU B 133 21.81 5.74 6.34
C LEU B 133 21.44 4.47 7.11
N TYR B 134 21.31 4.57 8.43
CA TYR B 134 21.15 3.40 9.29
C TYR B 134 20.25 3.70 10.46
N HIS B 135 19.21 2.88 10.66
CA HIS B 135 18.29 3.09 11.80
C HIS B 135 17.86 1.71 12.34
N TYR B 136 18.79 1.07 13.05
CA TYR B 136 18.61 -0.23 13.73
C TYR B 136 18.40 -1.41 12.79
N ASP B 137 18.52 -1.19 11.49
CA ASP B 137 18.05 -2.19 10.52
C ASP B 137 19.17 -2.86 9.71
N LEU B 138 20.20 -3.32 10.40
CA LEU B 138 21.27 -4.09 9.74
C LEU B 138 20.69 -5.24 8.88
N PRO B 139 21.14 -5.37 7.60
CA PRO B 139 20.74 -6.54 6.81
C PRO B 139 21.03 -7.85 7.55
N LEU B 140 20.03 -8.72 7.61
CA LEU B 140 20.17 -9.98 8.33
C LEU B 140 21.37 -10.78 7.81
N ALA B 141 21.60 -10.73 6.50
CA ALA B 141 22.72 -11.46 5.92
C ALA B 141 24.07 -11.06 6.52
N LEU B 142 24.23 -9.77 6.87
CA LEU B 142 25.50 -9.33 7.48
C LEU B 142 25.64 -9.75 8.93
N GLU B 143 24.53 -9.81 9.65
CA GLU B 143 24.53 -10.31 11.01
C GLU B 143 24.99 -11.78 10.99
N LYS B 144 24.44 -12.55 10.07
CA LYS B 144 24.78 -13.98 9.98
C LYS B 144 26.21 -14.26 9.48
N LYS B 145 26.62 -13.53 8.45
CA LYS B 145 27.92 -13.81 7.82
C LYS B 145 29.07 -13.24 8.63
N TYR B 146 28.88 -12.04 9.18
CA TYR B 146 30.00 -11.31 9.82
C TYR B 146 29.91 -11.14 11.34
N GLY B 147 28.72 -11.34 11.90
CA GLY B 147 28.50 -11.06 13.33
C GLY B 147 28.15 -9.60 13.57
N GLY B 148 27.78 -8.90 12.50
CA GLY B 148 27.30 -7.53 12.66
C GLY B 148 28.33 -6.62 13.33
N TRP B 149 27.85 -5.77 14.25
CA TRP B 149 28.66 -4.69 14.79
C TRP B 149 29.79 -5.16 15.72
N LEU B 150 29.83 -6.45 16.03
CA LEU B 150 31.00 -7.01 16.71
C LEU B 150 32.24 -7.06 15.81
N ASN B 151 32.02 -7.04 14.50
CA ASN B 151 33.10 -7.22 13.53
C ASN B 151 33.64 -5.90 13.00
N ALA B 152 34.93 -5.66 13.18
CA ALA B 152 35.58 -4.46 12.62
C ALA B 152 35.39 -4.30 11.11
N LYS B 153 35.13 -5.41 10.43
CA LYS B 153 34.87 -5.38 8.99
C LYS B 153 33.64 -4.53 8.63
N MET B 154 32.80 -4.24 9.63
CA MET B 154 31.66 -3.35 9.39
C MET B 154 32.06 -1.99 8.87
N ALA B 155 33.25 -1.48 9.23
CA ALA B 155 33.66 -0.19 8.68
C ALA B 155 33.72 -0.22 7.15
N ASP B 156 34.32 -1.27 6.59
CA ASP B 156 34.38 -1.45 5.14
C ASP B 156 32.98 -1.66 4.54
N LEU B 157 32.21 -2.55 5.17
CA LEU B 157 30.88 -2.88 4.64
C LEU B 157 29.98 -1.65 4.67
N PHE B 158 30.01 -0.92 5.76
CA PHE B 158 29.20 0.29 5.82
C PHE B 158 29.68 1.39 4.85
N THR B 159 31.01 1.58 4.76
CA THR B 159 31.54 2.56 3.85
C THR B 159 31.14 2.29 2.40
N GLU B 160 31.11 1.02 1.99
CA GLU B 160 30.69 0.70 0.63
C GLU B 160 29.23 1.00 0.38
N TYR B 161 28.39 0.74 1.39
CA TYR B 161 26.97 1.07 1.32
C TYR B 161 26.79 2.59 1.27
N ALA B 162 27.51 3.29 2.13
CA ALA B 162 27.45 4.76 2.14
C ALA B 162 27.90 5.35 0.83
N ASP B 163 29.00 4.81 0.29
CA ASP B 163 29.53 5.30 -0.99
C ASP B 163 28.46 5.18 -2.07
N PHE B 164 27.78 4.02 -2.13
CA PHE B 164 26.71 3.85 -3.12
C PHE B 164 25.63 4.90 -2.94
N CYS B 165 25.22 5.15 -1.71
CA CYS B 165 24.19 6.17 -1.46
C CYS B 165 24.66 7.57 -1.85
N PHE B 166 25.88 7.93 -1.48
CA PHE B 166 26.42 9.24 -1.88
C PHE B 166 26.43 9.40 -3.39
N LYS B 167 26.89 8.35 -4.09
CA LYS B 167 26.97 8.38 -5.56
C LYS B 167 25.57 8.53 -6.18
N THR B 168 24.60 7.81 -5.63
CA THR B 168 23.29 7.65 -6.25
C THR B 168 22.32 8.80 -5.95
N PHE B 169 22.42 9.35 -4.74
CA PHE B 169 21.47 10.34 -4.29
C PHE B 169 22.09 11.70 -3.97
N GLY B 170 23.40 11.75 -3.83
CA GLY B 170 24.09 12.94 -3.28
C GLY B 170 24.11 14.18 -4.16
N ASN B 171 23.79 14.03 -5.45
CA ASN B 171 23.60 15.22 -6.26
C ASN B 171 22.36 16.01 -5.82
N ARG B 172 21.44 15.33 -5.12
CA ARG B 172 20.20 15.96 -4.63
C ARG B 172 20.16 16.05 -3.10
N VAL B 173 20.66 15.01 -2.42
CA VAL B 173 20.71 15.02 -0.96
C VAL B 173 21.97 15.73 -0.47
N LYS B 174 21.77 16.74 0.39
CA LYS B 174 22.89 17.55 0.87
C LYS B 174 23.07 17.46 2.38
N HIS B 175 22.18 16.71 3.05
CA HIS B 175 22.24 16.59 4.50
C HIS B 175 22.08 15.16 4.87
N TRP B 176 23.19 14.53 5.26
CA TRP B 176 23.21 13.12 5.60
C TRP B 176 23.47 12.91 7.09
N PHE B 177 23.01 11.77 7.59
CA PHE B 177 23.53 11.21 8.86
C PHE B 177 23.93 9.77 8.60
N THR B 178 24.98 9.31 9.26
CA THR B 178 25.39 7.91 9.13
C THR B 178 24.46 7.03 9.97
N PHE B 179 24.46 7.24 11.29
CA PHE B 179 23.76 6.37 12.25
C PHE B 179 22.78 7.10 13.12
N ASN B 180 21.75 6.35 13.56
CA ASN B 180 20.84 6.75 14.65
C ASN B 180 21.09 6.00 15.97
N GLU B 181 21.60 6.73 16.96
CA GLU B 181 21.71 6.23 18.33
C GLU B 181 22.53 4.93 18.52
N PRO B 182 23.84 4.97 18.20
CA PRO B 182 24.70 3.81 18.47
C PRO B 182 24.64 3.39 19.96
N ARG B 183 24.43 4.32 20.89
CA ARG B 183 24.36 3.97 22.32
C ARG B 183 23.22 2.97 22.58
N ILE B 184 22.11 3.17 21.89
CA ILE B 184 20.94 2.31 22.08
C ILE B 184 21.19 0.91 21.49
N VAL B 185 21.87 0.84 20.34
CA VAL B 185 22.25 -0.47 19.80
C VAL B 185 23.18 -1.19 20.80
N ALA B 186 24.22 -0.49 21.27
CA ALA B 186 25.15 -1.07 22.26
C ALA B 186 24.42 -1.48 23.54
N LEU B 187 23.53 -0.63 24.03
CA LEU B 187 22.88 -0.89 25.30
C LEU B 187 21.85 -2.03 25.19
N LEU B 188 20.91 -1.86 24.27
CA LEU B 188 19.83 -2.84 24.21
C LEU B 188 20.20 -4.12 23.44
N GLY B 189 21.12 -4.01 22.49
CA GLY B 189 21.48 -5.16 21.67
C GLY B 189 22.52 -6.02 22.33
N TYR B 190 23.33 -5.42 23.23
CA TYR B 190 24.55 -6.09 23.69
C TYR B 190 24.81 -5.99 25.19
N ASP B 191 24.09 -5.11 25.88
CA ASP B 191 24.20 -5.03 27.33
C ASP B 191 23.00 -5.72 27.94
N GLN B 192 21.82 -5.19 27.69
CA GLN B 192 20.59 -5.75 28.25
C GLN B 192 20.06 -6.91 27.42
N GLY B 193 20.37 -6.94 26.12
CA GLY B 193 19.95 -8.05 25.26
C GLY B 193 18.47 -8.08 24.97
N THR B 194 17.84 -6.91 25.01
CA THR B 194 16.38 -6.83 24.76
C THR B 194 16.00 -6.44 23.32
N ASN B 195 16.98 -5.96 22.55
CA ASN B 195 16.81 -5.67 21.12
C ASN B 195 17.78 -6.56 20.32
N PRO B 196 17.53 -6.74 19.01
CA PRO B 196 18.47 -7.53 18.19
C PRO B 196 19.90 -7.02 18.32
N PRO B 197 20.90 -7.92 18.39
CA PRO B 197 20.83 -9.39 18.29
C PRO B 197 20.51 -10.15 19.58
N LYS B 198 19.97 -9.46 20.60
CA LYS B 198 19.61 -10.10 21.88
C LYS B 198 20.79 -10.75 22.58
N ARG B 199 21.92 -10.04 22.59
CA ARG B 199 23.11 -10.54 23.27
C ARG B 199 23.31 -9.92 24.64
N CYS B 200 23.81 -10.72 25.57
CA CYS B 200 24.09 -10.28 26.91
C CYS B 200 24.72 -11.46 27.65
N THR B 201 25.22 -11.22 28.85
CA THR B 201 25.95 -12.24 29.59
C THR B 201 25.10 -13.49 29.82
N LYS B 202 23.85 -13.29 30.22
CA LYS B 202 22.95 -14.45 30.47
C LYS B 202 22.15 -14.92 29.24
N CYS B 203 22.37 -14.30 28.08
CA CYS B 203 21.42 -14.45 26.98
C CYS B 203 21.58 -15.75 26.17
N ALA B 204 20.46 -16.30 25.70
CA ALA B 204 20.49 -17.52 24.90
C ALA B 204 21.38 -17.38 23.68
N ALA B 205 21.37 -16.18 23.06
CA ALA B 205 22.17 -15.91 21.87
C ALA B 205 23.67 -15.87 22.15
N GLY B 206 24.05 -15.75 23.42
CA GLY B 206 25.43 -15.53 23.80
C GLY B 206 25.63 -14.06 24.16
N GLY B 207 26.86 -13.70 24.48
CA GLY B 207 27.18 -12.30 24.76
C GLY B 207 28.00 -12.10 26.01
N ASN B 208 28.30 -10.83 26.24
CA ASN B 208 29.07 -10.41 27.39
C ASN B 208 28.78 -8.94 27.56
N SER B 209 27.95 -8.65 28.57
CA SER B 209 27.46 -7.29 28.77
C SER B 209 28.56 -6.35 29.22
N ALA B 210 29.68 -6.90 29.68
CA ALA B 210 30.81 -6.07 30.15
C ALA B 210 31.76 -5.64 29.02
N THR B 211 31.74 -6.37 27.91
CA THR B 211 32.72 -6.14 26.84
C THR B 211 32.08 -5.72 25.52
N GLU B 212 30.99 -6.40 25.14
CA GLU B 212 30.43 -6.23 23.82
C GLU B 212 29.88 -4.82 23.54
N PRO B 213 29.21 -4.18 24.52
CA PRO B 213 28.75 -2.82 24.24
C PRO B 213 29.88 -1.88 23.81
N TYR B 214 31.06 -2.04 24.41
CA TYR B 214 32.21 -1.19 24.07
C TYR B 214 32.79 -1.52 22.71
N ILE B 215 32.80 -2.81 22.37
CA ILE B 215 33.28 -3.23 21.07
C ILE B 215 32.38 -2.59 19.99
N VAL B 216 31.07 -2.72 20.21
CA VAL B 216 30.07 -2.26 19.24
C VAL B 216 30.13 -0.72 19.03
N ALA B 217 30.20 0.02 20.15
CA ALA B 217 30.29 1.48 20.09
C ALA B 217 31.54 1.89 19.29
N HIS B 218 32.65 1.20 19.54
CA HIS B 218 33.91 1.49 18.87
C HIS B 218 33.78 1.29 17.37
N ASN B 219 33.12 0.19 16.97
CA ASN B 219 32.95 -0.09 15.54
C ASN B 219 31.98 0.90 14.89
N PHE B 220 30.97 1.38 15.63
CA PHE B 220 30.13 2.47 15.07
C PHE B 220 30.96 3.74 14.83
N LEU B 221 31.82 4.10 15.77
CA LEU B 221 32.63 5.31 15.60
C LEU B 221 33.59 5.19 14.42
N LEU B 222 34.25 4.03 14.32
CA LEU B 222 35.20 3.79 13.23
C LEU B 222 34.49 3.73 11.88
N SER B 223 33.29 3.14 11.87
CA SER B 223 32.50 3.05 10.63
C SER B 223 32.02 4.44 10.20
N HIS B 224 31.56 5.23 11.16
CA HIS B 224 31.18 6.59 10.85
C HIS B 224 32.39 7.36 10.25
N ALA B 225 33.54 7.28 10.93
CA ALA B 225 34.73 7.99 10.44
C ALA B 225 35.14 7.56 9.03
N ALA B 226 35.07 6.25 8.74
CA ALA B 226 35.42 5.75 7.42
C ALA B 226 34.45 6.27 6.36
N ALA B 227 33.16 6.25 6.66
CA ALA B 227 32.14 6.72 5.71
C ALA B 227 32.33 8.20 5.41
N VAL B 228 32.62 8.99 6.44
CA VAL B 228 32.81 10.43 6.26
C VAL B 228 34.10 10.71 5.47
N ALA B 229 35.18 9.98 5.79
CA ALA B 229 36.42 10.10 5.01
C ALA B 229 36.15 9.84 3.51
N ARG B 230 35.33 8.84 3.22
CA ARG B 230 34.96 8.54 1.82
C ARG B 230 34.18 9.70 1.21
N TYR B 231 33.19 10.22 1.94
CA TYR B 231 32.43 11.37 1.44
C TYR B 231 33.35 12.53 1.13
N ARG B 232 34.22 12.86 2.09
CA ARG B 232 35.04 14.05 1.95
C ARG B 232 36.07 13.93 0.84
N THR B 233 36.63 12.74 0.65
CA THR B 233 37.68 12.54 -0.36
C THR B 233 37.15 12.30 -1.77
N LYS B 234 35.91 11.81 -1.89
CA LYS B 234 35.40 11.38 -3.18
C LYS B 234 34.21 12.19 -3.69
N TYR B 235 33.32 12.62 -2.81
CA TYR B 235 32.04 13.21 -3.22
C TYR B 235 31.83 14.68 -2.89
N GLN B 236 32.46 15.16 -1.82
CA GLN B 236 32.12 16.46 -1.26
C GLN B 236 32.48 17.63 -2.17
N ALA B 237 33.62 17.58 -2.84
CA ALA B 237 33.98 18.69 -3.73
C ALA B 237 32.86 18.96 -4.76
N ALA B 238 32.33 17.90 -5.35
CA ALA B 238 31.26 18.02 -6.31
C ALA B 238 29.90 18.28 -5.69
N GLN B 239 29.57 17.57 -4.61
CA GLN B 239 28.20 17.57 -4.10
C GLN B 239 27.93 18.68 -3.09
N GLN B 240 28.97 19.10 -2.37
CA GLN B 240 28.86 20.23 -1.44
C GLN B 240 27.77 20.04 -0.37
N GLY B 241 27.68 18.82 0.14
CA GLY B 241 26.79 18.49 1.25
C GLY B 241 27.56 18.22 2.53
N LYS B 242 26.84 17.66 3.50
CA LYS B 242 27.35 17.49 4.85
C LYS B 242 26.89 16.14 5.38
N VAL B 243 27.66 15.62 6.34
CA VAL B 243 27.37 14.33 6.98
C VAL B 243 27.56 14.49 8.48
N GLY B 244 26.54 14.11 9.23
CA GLY B 244 26.62 14.08 10.69
C GLY B 244 26.26 12.71 11.23
N ILE B 245 25.94 12.69 12.52
CA ILE B 245 25.60 11.45 13.25
C ILE B 245 24.56 11.83 14.29
N VAL B 246 23.67 10.89 14.60
CA VAL B 246 22.60 11.15 15.57
C VAL B 246 22.86 10.37 16.86
N LEU B 247 22.83 11.09 17.98
CA LEU B 247 23.14 10.52 19.29
C LEU B 247 22.00 10.85 20.25
N ASP B 248 21.59 9.85 21.05
CA ASP B 248 20.62 10.13 22.10
C ASP B 248 21.29 10.76 23.31
N PHE B 249 20.57 11.71 23.90
CA PHE B 249 21.05 12.32 25.13
C PHE B 249 19.86 12.73 25.95
N ASN B 250 19.74 12.13 27.12
CA ASN B 250 18.74 12.59 28.08
C ASN B 250 19.48 13.18 29.29
N TRP B 251 18.84 14.13 29.96
CA TRP B 251 19.54 14.95 30.92
C TRP B 251 19.71 14.21 32.26
N TYR B 252 20.82 14.50 32.94
CA TYR B 252 21.07 14.02 34.30
C TYR B 252 21.31 15.20 35.21
N GLU B 253 20.56 15.26 36.31
CA GLU B 253 20.64 16.33 37.25
C GLU B 253 21.01 15.77 38.62
N ALA B 254 22.05 16.31 39.24
CA ALA B 254 22.44 15.80 40.55
C ALA B 254 21.30 15.96 41.56
N LEU B 255 21.05 14.92 42.36
CA LEU B 255 19.93 14.93 43.30
C LEU B 255 20.10 16.00 44.38
N SER B 256 21.35 16.23 44.76
CA SER B 256 21.70 17.27 45.70
C SER B 256 22.98 17.91 45.20
N ASN B 257 23.44 18.95 45.90
CA ASN B 257 24.66 19.61 45.54
C ASN B 257 25.89 18.97 46.17
N SER B 258 25.73 17.78 46.75
CA SER B 258 26.87 17.09 47.34
C SER B 258 27.91 16.78 46.27
N THR B 259 29.17 16.72 46.67
CA THR B 259 30.26 16.38 45.77
C THR B 259 29.99 15.05 45.06
N GLU B 260 29.55 14.05 45.81
CA GLU B 260 29.25 12.72 45.26
C GLU B 260 28.06 12.72 44.28
N ASP B 261 26.98 13.42 44.61
CA ASP B 261 25.87 13.47 43.66
C ASP B 261 26.25 14.22 42.39
N GLN B 262 27.01 15.32 42.52
CA GLN B 262 27.44 16.08 41.36
C GLN B 262 28.35 15.24 40.47
N ALA B 263 29.24 14.47 41.10
CA ALA B 263 30.13 13.58 40.37
C ALA B 263 29.35 12.47 39.65
N ALA B 264 28.33 11.92 40.32
CA ALA B 264 27.49 10.87 39.73
C ALA B 264 26.80 11.40 38.48
N ALA B 265 26.23 12.60 38.56
CA ALA B 265 25.49 13.15 37.41
C ALA B 265 26.45 13.37 36.24
N GLN B 266 27.66 13.81 36.54
CA GLN B 266 28.65 14.04 35.50
C GLN B 266 29.13 12.71 34.90
N ARG B 267 29.30 11.67 35.74
CA ARG B 267 29.66 10.35 35.22
C ARG B 267 28.61 9.83 34.24
N ALA B 268 27.34 10.01 34.59
CA ALA B 268 26.24 9.61 33.72
C ALA B 268 26.31 10.35 32.39
N ARG B 269 26.53 11.67 32.42
CA ARG B 269 26.66 12.44 31.18
C ARG B 269 27.79 11.87 30.33
N ASP B 270 28.95 11.63 30.96
CA ASP B 270 30.08 11.08 30.23
C ASP B 270 29.87 9.67 29.64
N PHE B 271 29.26 8.76 30.40
CA PHE B 271 28.95 7.42 29.88
C PHE B 271 27.83 7.40 28.85
N HIS B 272 26.99 8.45 28.87
CA HIS B 272 25.83 8.54 27.97
C HIS B 272 26.18 9.24 26.65
N ILE B 273 26.56 10.51 26.73
CA ILE B 273 26.85 11.29 25.53
C ILE B 273 28.36 11.43 25.28
N GLY B 274 29.15 11.56 26.36
CA GLY B 274 30.59 11.72 26.22
C GLY B 274 31.24 10.54 25.50
N TRP B 275 30.69 9.35 25.74
CA TRP B 275 31.13 8.13 25.05
C TRP B 275 31.37 8.35 23.55
N TYR B 276 30.48 9.12 22.91
CA TYR B 276 30.55 9.43 21.46
C TYR B 276 31.08 10.82 21.20
N LEU B 277 30.71 11.79 22.01
CA LEU B 277 31.11 13.18 21.72
C LEU B 277 32.56 13.46 22.00
N ASP B 278 33.13 12.85 23.03
CA ASP B 278 34.53 13.10 23.26
C ASP B 278 35.38 12.59 22.10
N PRO B 279 35.11 11.36 21.59
CA PRO B 279 35.77 10.97 20.34
C PRO B 279 35.51 11.91 19.17
N LEU B 280 34.24 12.23 18.94
CA LEU B 280 33.88 13.01 17.75
C LEU B 280 34.41 14.44 17.76
N ILE B 281 34.52 15.03 18.96
CA ILE B 281 34.93 16.43 19.06
C ILE B 281 36.39 16.53 19.49
N ASN B 282 36.77 15.68 20.44
CA ASN B 282 38.09 15.79 21.07
C ASN B 282 39.10 14.70 20.72
N GLY B 283 38.68 13.66 20.02
CA GLY B 283 39.60 12.59 19.59
C GLY B 283 40.00 11.60 20.67
N HIS B 284 39.20 11.46 21.73
CA HIS B 284 39.48 10.47 22.76
C HIS B 284 38.20 10.12 23.51
N TYR B 285 38.15 8.94 24.12
CA TYR B 285 37.04 8.62 25.01
C TYR B 285 37.09 9.48 26.30
N PRO B 286 35.95 9.65 26.98
CA PRO B 286 36.01 10.38 28.25
C PRO B 286 37.02 9.77 29.22
N GLN B 287 37.72 10.65 29.95
CA GLN B 287 38.70 10.19 30.93
C GLN B 287 38.10 9.20 31.94
N ILE B 288 36.90 9.49 32.44
CA ILE B 288 36.26 8.62 33.45
C ILE B 288 36.00 7.21 32.88
N MET B 289 35.65 7.13 31.59
CA MET B 289 35.47 5.81 30.98
C MET B 289 36.80 5.05 30.85
N GLN B 290 37.86 5.76 30.45
CA GLN B 290 39.20 5.16 30.42
C GLN B 290 39.58 4.64 31.81
N ASP B 291 39.29 5.45 32.82
CA ASP B 291 39.64 5.14 34.22
C ASP B 291 38.88 3.96 34.81
N LEU B 292 37.59 3.85 34.46
CA LEU B 292 36.74 2.85 35.10
C LEU B 292 36.62 1.59 34.27
N VAL B 293 36.65 1.75 32.95
CA VAL B 293 36.40 0.61 32.05
C VAL B 293 37.71 -0.06 31.65
N LYS B 294 38.80 0.72 31.69
CA LYS B 294 40.17 0.19 31.57
C LYS B 294 40.31 -0.64 30.29
N ASP B 295 40.77 -1.89 30.38
CA ASP B 295 41.10 -2.63 29.16
C ASP B 295 39.90 -3.14 28.37
N ARG B 296 38.72 -3.04 28.96
CA ARG B 296 37.48 -3.35 28.22
C ARG B 296 37.08 -2.22 27.27
N LEU B 297 37.67 -1.06 27.43
CA LEU B 297 37.44 0.04 26.50
C LEU B 297 38.50 0.02 25.40
N PRO B 298 38.09 -0.22 24.13
CA PRO B 298 39.09 -0.24 23.07
C PRO B 298 39.84 1.09 22.98
N LYS B 299 41.06 1.05 22.43
CA LYS B 299 41.85 2.27 22.29
C LYS B 299 41.98 2.62 20.82
N PHE B 300 41.63 3.87 20.50
CA PHE B 300 41.92 4.40 19.19
C PHE B 300 43.43 4.56 19.01
N THR B 301 43.94 4.15 17.86
CA THR B 301 45.29 4.55 17.51
C THR B 301 45.27 6.07 17.25
N PRO B 302 46.44 6.72 17.30
CA PRO B 302 46.47 8.15 16.96
C PRO B 302 45.82 8.46 15.60
N GLU B 303 46.07 7.61 14.60
CA GLU B 303 45.51 7.81 13.27
C GLU B 303 43.98 7.66 13.27
N GLN B 304 43.48 6.66 13.98
CA GLN B 304 42.03 6.45 14.06
C GLN B 304 41.40 7.61 14.80
N ALA B 305 42.01 8.03 15.92
CA ALA B 305 41.48 9.18 16.65
C ALA B 305 41.44 10.45 15.79
N ARG B 306 42.45 10.65 14.96
CA ARG B 306 42.45 11.82 14.05
C ARG B 306 41.37 11.72 12.93
N LEU B 307 41.05 10.50 12.53
CA LEU B 307 39.95 10.26 11.57
C LEU B 307 38.58 10.52 12.18
N VAL B 308 38.44 10.13 13.44
CA VAL B 308 37.17 10.29 14.14
C VAL B 308 36.94 11.75 14.57
N LYS B 309 37.99 12.37 15.12
CA LYS B 309 37.86 13.78 15.54
C LYS B 309 37.49 14.67 14.36
N GLY B 310 36.44 15.48 14.53
CA GLY B 310 36.04 16.40 13.50
C GLY B 310 35.25 15.77 12.37
N SER B 311 34.86 14.50 12.54
CA SER B 311 34.22 13.75 11.45
C SER B 311 32.71 13.95 11.38
N ALA B 312 32.13 14.81 12.22
CA ALA B 312 30.70 15.11 12.12
C ALA B 312 30.53 16.59 11.78
N ASP B 313 29.82 16.89 10.70
CA ASP B 313 29.58 18.29 10.32
C ASP B 313 28.52 18.94 11.22
N TYR B 314 27.70 18.10 11.84
CA TYR B 314 26.73 18.53 12.86
C TYR B 314 26.40 17.32 13.70
N ILE B 315 25.94 17.59 14.90
CA ILE B 315 25.60 16.52 15.85
C ILE B 315 24.09 16.53 15.98
N GLY B 316 23.45 15.43 15.59
CA GLY B 316 22.03 15.26 15.87
C GLY B 316 21.89 14.78 17.30
N ILE B 317 21.00 15.44 18.03
CA ILE B 317 20.72 15.05 19.41
C ILE B 317 19.26 14.65 19.52
N ASN B 318 19.03 13.42 19.99
CA ASN B 318 17.69 12.91 20.27
C ASN B 318 17.43 13.11 21.77
N GLN B 319 16.44 13.94 22.11
CA GLN B 319 16.24 14.40 23.48
C GLN B 319 14.80 14.17 23.88
N TYR B 320 14.58 13.47 24.98
CA TYR B 320 13.22 13.30 25.53
C TYR B 320 13.00 13.71 26.98
N THR B 321 13.96 13.41 27.84
CA THR B 321 13.66 13.38 29.27
C THR B 321 14.86 13.71 30.15
N ALA B 322 14.64 13.58 31.46
CA ALA B 322 15.67 13.85 32.46
C ALA B 322 15.51 12.92 33.64
N SER B 323 16.61 12.71 34.37
CA SER B 323 16.63 11.88 35.57
C SER B 323 17.47 12.59 36.62
N TYR B 324 17.11 12.43 37.89
CA TYR B 324 17.99 12.80 38.99
C TYR B 324 19.00 11.68 39.19
N MET B 325 20.19 12.04 39.68
CA MET B 325 21.26 11.09 39.89
C MET B 325 21.82 11.24 41.28
N LYS B 326 22.04 10.09 41.92
CA LYS B 326 22.59 9.99 43.25
C LYS B 326 23.90 9.21 43.13
N GLY B 327 24.91 9.59 43.92
CA GLY B 327 26.17 8.89 43.86
C GLY B 327 26.79 8.62 45.21
N GLN B 328 27.81 7.78 45.22
CA GLN B 328 28.62 7.55 46.41
C GLN B 328 30.06 7.43 45.96
N GLN B 329 30.93 7.04 46.89
CA GLN B 329 32.34 6.88 46.60
C GLN B 329 32.54 5.74 45.59
N LEU B 330 33.39 5.99 44.59
CA LEU B 330 33.72 5.00 43.57
C LEU B 330 34.46 3.82 44.18
N MET B 331 34.08 2.61 43.77
CA MET B 331 34.68 1.42 44.34
C MET B 331 35.18 0.48 43.26
N GLN B 332 36.25 -0.25 43.58
CA GLN B 332 36.73 -1.32 42.74
C GLN B 332 35.65 -2.40 42.74
N GLN B 333 35.27 -2.86 41.56
CA GLN B 333 34.22 -3.87 41.43
C GLN B 333 34.49 -4.78 40.24
N THR B 334 34.07 -6.04 40.36
CA THR B 334 34.14 -7.00 39.25
C THR B 334 33.25 -6.45 38.14
N PRO B 335 33.78 -6.30 36.92
CA PRO B 335 32.95 -5.82 35.80
C PRO B 335 31.75 -6.74 35.55
N THR B 336 30.59 -6.14 35.36
CA THR B 336 29.40 -6.89 35.00
C THR B 336 28.71 -6.35 33.74
N SER B 337 28.70 -5.03 33.55
CA SER B 337 28.05 -4.47 32.37
C SER B 337 28.36 -2.99 32.15
N TYR B 338 28.17 -2.54 30.92
CA TYR B 338 28.25 -1.12 30.61
C TYR B 338 27.38 -0.31 31.58
N SER B 339 26.15 -0.75 31.79
CA SER B 339 25.24 -0.02 32.67
C SER B 339 25.79 0.11 34.10
N ALA B 340 26.28 -1.00 34.65
CA ALA B 340 26.84 -1.00 36.03
C ALA B 340 28.17 -0.24 36.13
N ASP B 341 28.85 -0.07 35.01
CA ASP B 341 30.15 0.60 35.01
C ASP B 341 30.02 2.07 35.44
N TRP B 342 28.84 2.67 35.29
CA TRP B 342 28.69 4.10 35.60
C TRP B 342 28.82 4.38 37.09
N GLN B 343 28.47 3.37 37.91
CA GLN B 343 28.40 3.50 39.37
C GLN B 343 27.55 4.70 39.79
N VAL B 344 26.32 4.72 39.27
CA VAL B 344 25.35 5.74 39.67
C VAL B 344 24.03 5.11 40.11
N THR B 345 23.18 5.94 40.73
CA THR B 345 21.89 5.51 41.21
C THR B 345 20.84 6.49 40.65
N TYR B 346 19.91 5.95 39.87
CA TYR B 346 18.83 6.75 39.26
C TYR B 346 17.77 7.08 40.31
N VAL B 347 17.26 8.31 40.24
CA VAL B 347 16.24 8.83 41.13
C VAL B 347 15.28 9.66 40.28
N PHE B 348 13.98 9.42 40.45
CA PHE B 348 12.93 10.08 39.66
C PHE B 348 11.99 10.98 40.49
N ALA B 349 12.39 11.25 41.73
CA ALA B 349 11.69 12.23 42.59
C ALA B 349 12.67 13.03 43.44
N LYS B 350 12.32 14.29 43.71
CA LYS B 350 13.12 15.14 44.58
C LYS B 350 12.14 15.94 45.42
N ASN B 351 12.45 16.06 46.71
CA ASN B 351 11.53 16.75 47.65
C ASN B 351 10.09 16.22 47.60
N GLY B 352 9.94 14.90 47.46
CA GLY B 352 8.62 14.29 47.41
C GLY B 352 7.82 14.49 46.15
N LYS B 353 8.44 15.09 45.12
CA LYS B 353 7.76 15.35 43.85
C LYS B 353 8.45 14.59 42.73
N PRO B 354 7.67 13.92 41.87
CA PRO B 354 8.30 13.29 40.69
C PRO B 354 8.93 14.35 39.81
N ILE B 355 9.96 13.97 39.06
CA ILE B 355 10.65 14.91 38.16
C ILE B 355 9.70 15.44 37.08
N GLY B 356 8.74 14.61 36.71
CA GLY B 356 7.69 15.00 35.75
C GLY B 356 6.64 13.90 35.68
N PRO B 357 5.50 14.20 35.05
CA PRO B 357 4.53 13.15 34.73
C PRO B 357 5.05 12.30 33.58
N GLN B 358 4.56 11.08 33.46
CA GLN B 358 4.97 10.22 32.36
C GLN B 358 4.02 10.29 31.17
N ALA B 359 4.58 10.13 29.98
CA ALA B 359 3.77 9.90 28.78
C ALA B 359 3.41 8.41 28.78
N ASN B 360 3.06 7.84 27.62
CA ASN B 360 2.69 6.43 27.60
C ASN B 360 3.93 5.55 27.90
N SER B 361 5.06 5.88 27.29
CA SER B 361 6.28 5.10 27.54
C SER B 361 6.79 5.34 28.95
N ASN B 362 7.06 4.27 29.68
CA ASN B 362 7.37 4.41 31.11
C ASN B 362 8.65 5.21 31.40
N TRP B 363 9.56 5.23 30.43
CA TRP B 363 10.84 5.96 30.57
C TRP B 363 10.69 7.43 30.24
N LEU B 364 9.55 7.80 29.67
CA LEU B 364 9.44 9.17 29.16
C LEU B 364 8.77 10.09 30.16
N TYR B 365 9.58 10.70 31.03
CA TYR B 365 9.08 11.71 31.98
C TYR B 365 9.12 13.04 31.27
N ILE B 366 8.02 13.77 31.37
CA ILE B 366 7.88 15.06 30.69
C ILE B 366 8.58 16.09 31.56
N VAL B 367 9.75 16.53 31.10
CA VAL B 367 10.66 17.39 31.86
C VAL B 367 11.26 18.39 30.87
N PRO B 368 10.52 19.47 30.55
CA PRO B 368 10.99 20.38 29.50
C PRO B 368 12.38 20.97 29.76
N TRP B 369 12.68 21.23 31.04
CA TRP B 369 14.00 21.77 31.39
C TRP B 369 15.18 20.84 31.07
N GLY B 370 14.90 19.56 30.84
CA GLY B 370 15.96 18.63 30.40
C GLY B 370 16.50 19.04 29.02
N MET B 371 15.63 19.62 28.18
CA MET B 371 16.05 20.09 26.86
C MET B 371 17.07 21.21 26.99
N TYR B 372 16.75 22.18 27.84
CA TYR B 372 17.72 23.24 28.10
C TYR B 372 19.00 22.65 28.69
N GLY B 373 18.87 21.73 29.65
CA GLY B 373 20.02 21.14 30.33
C GLY B 373 20.97 20.52 29.32
N CYS B 374 20.43 19.67 28.45
CA CYS B 374 21.26 18.97 27.47
C CYS B 374 21.94 19.94 26.48
N VAL B 375 21.16 20.90 25.96
CA VAL B 375 21.67 21.79 24.92
C VAL B 375 22.74 22.73 25.50
N ASN B 376 22.46 23.28 26.68
CA ASN B 376 23.44 24.14 27.33
C ASN B 376 24.70 23.38 27.70
N TYR B 377 24.55 22.12 28.13
CA TYR B 377 25.71 21.31 28.52
C TYR B 377 26.64 21.06 27.34
N ILE B 378 26.06 20.71 26.19
CA ILE B 378 26.89 20.48 25.00
C ILE B 378 27.56 21.78 24.55
N LYS B 379 26.81 22.88 24.60
CA LYS B 379 27.34 24.19 24.27
C LYS B 379 28.60 24.47 25.09
N GLN B 380 28.49 24.32 26.41
CA GLN B 380 29.54 24.73 27.34
C GLN B 380 30.74 23.79 27.38
N LYS B 381 30.50 22.50 27.17
CA LYS B 381 31.56 21.49 27.34
C LYS B 381 32.32 21.23 26.08
N TYR B 382 31.62 21.27 24.94
CA TYR B 382 32.21 20.79 23.68
C TYR B 382 32.48 21.86 22.65
N GLY B 383 32.65 23.10 23.10
CA GLY B 383 33.00 24.17 22.17
C GLY B 383 31.85 24.57 21.27
N ASN B 384 30.61 24.36 21.72
CA ASN B 384 29.41 24.84 20.99
C ASN B 384 29.33 24.31 19.54
N PRO B 385 29.35 22.98 19.36
CA PRO B 385 29.28 22.39 18.02
C PRO B 385 27.90 22.65 17.43
N THR B 386 27.79 22.56 16.10
CA THR B 386 26.50 22.68 15.46
C THR B 386 25.67 21.47 15.84
N VAL B 387 24.53 21.75 16.47
CA VAL B 387 23.59 20.74 16.94
C VAL B 387 22.28 20.84 16.16
N VAL B 388 21.69 19.68 15.84
CA VAL B 388 20.32 19.64 15.32
C VAL B 388 19.56 18.77 16.30
N ILE B 389 18.42 19.22 16.80
CA ILE B 389 17.58 18.33 17.61
C ILE B 389 16.89 17.42 16.61
N THR B 390 17.28 16.14 16.57
CA THR B 390 16.88 15.28 15.45
C THR B 390 15.74 14.34 15.88
N GLU B 391 15.18 14.40 17.25
CA GLU B 391 14.05 13.68 17.75
C GLU B 391 13.72 14.42 19.01
N ASN B 392 12.26 14.61 19.11
CA ASN B 392 11.66 15.08 20.40
C ASN B 392 10.17 14.89 20.20
N GLY B 393 9.53 14.28 21.18
CA GLY B 393 8.11 14.02 21.11
C GLY B 393 7.66 13.17 22.26
N MET B 394 6.38 12.79 22.24
CA MET B 394 5.86 11.94 23.31
C MET B 394 4.73 11.08 22.76
N ASP B 395 4.37 10.05 23.52
CA ASP B 395 3.38 9.07 23.04
C ASP B 395 2.10 8.98 23.85
N GLN B 396 1.02 8.68 23.11
CA GLN B 396 -0.28 8.31 23.66
C GLN B 396 -0.36 6.77 23.69
N PRO B 397 -1.24 6.23 24.54
CA PRO B 397 -1.40 4.80 24.64
C PRO B 397 -2.30 4.24 23.55
N ALA B 398 -2.43 2.92 23.57
CA ALA B 398 -3.31 2.14 22.68
C ALA B 398 -4.77 2.34 23.05
N ASN B 399 -5.62 1.94 22.13
CA ASN B 399 -7.05 1.73 22.40
C ASN B 399 -7.89 3.00 22.60
N LEU B 400 -7.35 4.18 22.29
CA LEU B 400 -8.21 5.37 22.35
C LEU B 400 -9.10 5.47 21.11
N SER B 401 -10.13 6.29 21.20
CA SER B 401 -10.96 6.57 20.05
C SER B 401 -10.21 7.54 19.15
N ARG B 402 -10.62 7.62 17.90
CA ARG B 402 -10.04 8.58 16.98
C ARG B 402 -10.04 9.97 17.62
N ASP B 403 -11.19 10.39 18.13
CA ASP B 403 -11.32 11.73 18.68
C ASP B 403 -10.36 12.00 19.86
N GLN B 404 -10.17 10.98 20.72
CA GLN B 404 -9.21 11.08 21.81
C GLN B 404 -7.77 11.21 21.28
N TYR B 405 -7.45 10.49 20.21
CA TYR B 405 -6.10 10.65 19.62
C TYR B 405 -5.92 12.06 19.08
N LEU B 406 -6.95 12.59 18.42
CA LEU B 406 -6.81 13.89 17.79
C LEU B 406 -6.73 15.04 18.79
N ARG B 407 -7.38 14.89 19.94
CA ARG B 407 -7.36 15.95 20.97
C ARG B 407 -6.15 15.78 21.87
N ASP B 408 -4.96 15.92 21.27
CA ASP B 408 -3.72 15.58 21.98
C ASP B 408 -3.13 16.78 22.73
N THR B 409 -3.94 17.27 23.67
CA THR B 409 -3.63 18.45 24.45
C THR B 409 -2.29 18.31 25.18
N THR B 410 -1.99 17.12 25.70
CA THR B 410 -0.72 16.93 26.41
C THR B 410 0.48 17.10 25.47
N ARG B 411 0.33 16.61 24.23
CA ARG B 411 1.42 16.73 23.27
C ARG B 411 1.60 18.18 22.81
N VAL B 412 0.48 18.89 22.64
CA VAL B 412 0.56 20.34 22.37
C VAL B 412 1.38 21.05 23.47
N HIS B 413 1.03 20.80 24.72
CA HIS B 413 1.74 21.38 25.87
C HIS B 413 3.24 20.97 25.86
N PHE B 414 3.49 19.71 25.50
CA PHE B 414 4.84 19.17 25.41
C PHE B 414 5.68 19.98 24.43
N TYR B 415 5.21 20.12 23.20
CA TYR B 415 6.01 20.86 22.21
C TYR B 415 6.16 22.32 22.57
N ARG B 416 5.09 22.94 23.07
CA ARG B 416 5.22 24.35 23.47
C ARG B 416 6.29 24.52 24.58
N SER B 417 6.27 23.65 25.57
CA SER B 417 7.19 23.76 26.72
C SER B 417 8.61 23.38 26.32
N TYR B 418 8.77 22.30 25.57
CA TYR B 418 10.13 21.87 25.19
C TYR B 418 10.75 22.85 24.20
N LEU B 419 9.95 23.37 23.26
CA LEU B 419 10.49 24.35 22.32
C LEU B 419 10.80 25.68 23.00
N THR B 420 10.04 26.03 24.04
CA THR B 420 10.35 27.24 24.82
C THR B 420 11.70 27.08 25.52
N GLN B 421 11.97 25.87 26.01
CA GLN B 421 13.25 25.59 26.67
C GLN B 421 14.39 25.57 25.66
N LEU B 422 14.16 24.99 24.48
CA LEU B 422 15.16 25.04 23.42
C LEU B 422 15.46 26.50 23.02
N LYS B 423 14.43 27.28 22.78
CA LYS B 423 14.60 28.71 22.48
C LYS B 423 15.45 29.40 23.56
N LYS B 424 15.22 29.06 24.83
CA LYS B 424 16.02 29.64 25.94
C LYS B 424 17.51 29.36 25.73
N ALA B 425 17.84 28.11 25.43
CA ALA B 425 19.24 27.75 25.14
C ALA B 425 19.81 28.46 23.92
N ILE B 426 19.02 28.53 22.85
CA ILE B 426 19.47 29.19 21.63
C ILE B 426 19.71 30.68 21.89
N ASP B 427 18.80 31.31 22.65
CA ASP B 427 18.93 32.75 22.94
C ASP B 427 20.13 33.05 23.83
N GLU B 428 20.64 32.03 24.53
CA GLU B 428 21.87 32.15 25.34
C GLU B 428 23.12 31.84 24.53
N GLY B 429 22.94 31.50 23.26
CA GLY B 429 24.09 31.28 22.39
C GLY B 429 24.35 29.87 21.86
N ALA B 430 23.49 28.91 22.21
CA ALA B 430 23.68 27.55 21.66
C ALA B 430 23.54 27.49 20.16
N ASN B 431 24.46 26.78 19.51
CA ASN B 431 24.54 26.68 18.06
C ASN B 431 23.60 25.56 17.57
N VAL B 432 22.30 25.75 17.77
CA VAL B 432 21.30 24.79 17.29
C VAL B 432 20.74 25.24 15.93
N ALA B 433 20.83 24.35 14.93
CA ALA B 433 20.49 24.69 13.54
C ALA B 433 19.12 24.20 13.10
N GLY B 434 18.55 23.25 13.83
CA GLY B 434 17.26 22.69 13.43
C GLY B 434 16.60 21.88 14.53
N TYR B 435 15.36 21.48 14.28
CA TYR B 435 14.55 20.72 15.22
C TYR B 435 13.58 19.84 14.46
N PHE B 436 13.52 18.55 14.82
CA PHE B 436 12.65 17.57 14.15
C PHE B 436 11.80 16.87 15.18
N ALA B 437 10.48 16.90 14.96
CA ALA B 437 9.53 16.24 15.83
C ALA B 437 9.44 14.74 15.51
N TRP B 438 9.65 13.92 16.54
CA TRP B 438 9.37 12.48 16.41
C TRP B 438 7.92 12.29 16.90
N SER B 439 6.95 11.95 16.05
CA SER B 439 7.13 11.62 14.63
C SER B 439 6.06 12.32 13.80
N LEU B 440 6.24 12.35 12.47
CA LEU B 440 5.17 12.78 11.58
C LEU B 440 3.92 11.94 11.84
N LEU B 441 4.11 10.63 11.98
CA LEU B 441 3.03 9.65 11.97
C LEU B 441 3.11 8.75 13.16
N ASP B 442 1.96 8.33 13.71
CA ASP B 442 1.97 7.12 14.56
C ASP B 442 2.58 5.99 13.73
N ASN B 443 3.40 5.16 14.38
CA ASN B 443 4.15 4.16 13.63
C ASN B 443 4.49 2.94 14.47
N PHE B 444 5.34 2.07 13.91
CA PHE B 444 5.75 0.86 14.62
C PHE B 444 6.79 1.20 15.68
N GLU B 445 6.38 1.19 16.96
CA GLU B 445 7.27 1.56 18.07
C GLU B 445 8.03 0.35 18.66
N TRP B 446 8.78 -0.31 17.80
CA TRP B 446 9.71 -1.37 18.23
C TRP B 446 9.06 -2.39 19.18
N LEU B 447 9.60 -2.61 20.38
CA LEU B 447 8.99 -3.59 21.30
C LEU B 447 7.51 -3.36 21.62
N SER B 448 7.09 -2.09 21.59
CA SER B 448 5.71 -1.70 21.86
C SER B 448 4.80 -1.89 20.67
N GLY B 449 5.37 -2.26 19.51
CA GLY B 449 4.55 -2.41 18.29
C GLY B 449 3.68 -1.19 18.07
N TYR B 450 2.39 -1.42 17.82
CA TYR B 450 1.47 -0.31 17.50
C TYR B 450 0.73 0.21 18.74
N THR B 451 1.22 -0.15 19.91
CA THR B 451 0.55 0.24 21.18
C THR B 451 1.00 1.61 21.72
N SER B 452 1.98 2.21 21.04
CA SER B 452 2.53 3.52 21.41
C SER B 452 2.40 4.47 20.22
N LYS B 453 1.74 5.60 20.44
CA LYS B 453 1.43 6.55 19.36
C LYS B 453 2.20 7.86 19.55
N PHE B 454 3.26 8.03 18.76
CA PHE B 454 4.12 9.23 18.84
C PHE B 454 3.81 10.33 17.81
N GLY B 455 2.86 10.07 16.91
CA GLY B 455 2.65 11.02 15.79
C GLY B 455 2.00 12.34 16.14
N ILE B 456 2.34 13.36 15.37
CA ILE B 456 1.48 14.56 15.32
C ILE B 456 0.31 14.31 14.35
N VAL B 457 0.44 13.27 13.50
CA VAL B 457 -0.66 12.82 12.63
C VAL B 457 -1.08 11.41 13.09
N TYR B 458 -2.38 11.25 13.36
CA TYR B 458 -2.95 9.98 13.71
C TYR B 458 -2.99 9.04 12.48
N VAL B 459 -2.61 7.79 12.69
CA VAL B 459 -2.79 6.77 11.68
C VAL B 459 -3.75 5.72 12.20
N ASP B 460 -4.83 5.52 11.46
CA ASP B 460 -5.78 4.45 11.78
C ASP B 460 -5.14 3.17 11.24
N PHE B 461 -4.74 2.27 12.12
CA PHE B 461 -4.00 1.09 11.61
C PHE B 461 -4.89 -0.02 11.01
N ASN B 462 -6.19 0.21 11.03
CA ASN B 462 -7.09 -0.68 10.29
C ASN B 462 -7.24 -0.25 8.85
N THR B 463 -7.42 1.04 8.64
CA THR B 463 -7.68 1.59 7.31
C THR B 463 -6.43 2.25 6.70
N LEU B 464 -5.44 2.56 7.55
CA LEU B 464 -4.21 3.31 7.19
C LEU B 464 -4.46 4.80 6.86
N GLU B 465 -5.67 5.28 7.11
CA GLU B 465 -5.96 6.71 6.92
C GLU B 465 -5.17 7.58 7.87
N ARG B 466 -4.74 8.74 7.37
CA ARG B 466 -4.07 9.79 8.18
C ARG B 466 -5.07 10.88 8.61
N HIS B 467 -4.94 11.33 9.85
CA HIS B 467 -5.76 12.46 10.38
C HIS B 467 -4.84 13.29 11.27
N PRO B 468 -4.54 14.55 10.86
CA PRO B 468 -3.74 15.44 11.72
C PRO B 468 -4.37 15.62 13.10
N LYS B 469 -3.54 15.52 14.13
CA LYS B 469 -3.98 15.80 15.49
C LYS B 469 -3.85 17.30 15.80
N ALA B 470 -4.39 17.72 16.95
CA ALA B 470 -4.24 19.11 17.38
C ALA B 470 -2.77 19.59 17.35
N SER B 471 -1.83 18.72 17.73
CA SER B 471 -0.40 19.08 17.70
C SER B 471 0.10 19.39 16.30
N ALA B 472 -0.43 18.69 15.28
CA ALA B 472 -0.10 18.99 13.89
C ALA B 472 -0.56 20.41 13.53
N TYR B 473 -1.78 20.77 13.93
CA TYR B 473 -2.28 22.11 13.66
C TYR B 473 -1.55 23.18 14.48
N TRP B 474 -1.09 22.80 15.67
CA TRP B 474 -0.23 23.68 16.45
C TRP B 474 1.03 24.02 15.64
N PHE B 475 1.69 22.98 15.11
CA PHE B 475 2.88 23.23 14.28
C PHE B 475 2.55 24.07 13.05
N ARG B 476 1.44 23.76 12.36
CA ARG B 476 1.03 24.54 11.19
C ARG B 476 0.94 26.04 11.55
N ASP B 477 0.29 26.34 12.67
CA ASP B 477 0.14 27.72 13.15
C ASP B 477 1.48 28.33 13.53
N MET B 478 2.28 27.57 14.28
CA MET B 478 3.56 28.08 14.75
C MET B 478 4.50 28.38 13.59
N LEU B 479 4.44 27.54 12.56
CA LEU B 479 5.43 27.57 11.50
C LEU B 479 5.03 28.38 10.27
N LYS B 480 3.86 29.00 10.31
CA LYS B 480 3.38 29.72 9.14
C LYS B 480 4.33 30.86 8.79
N HIS B 481 4.52 31.09 7.50
CA HIS B 481 5.47 32.11 7.02
C HIS B 481 4.80 33.47 6.92
C1 G2F C . -16.55 -4.35 -17.75
C2 G2F C . -15.26 -5.07 -17.41
C3 G2F C . -14.34 -4.19 -16.59
C4 G2F C . -14.08 -2.88 -17.35
C5 G2F C . -15.42 -2.18 -17.53
C6 G2F C . -15.30 -0.85 -18.27
O3 G2F C . -13.13 -4.89 -16.37
O4 G2F C . -13.18 -2.05 -16.61
O5 G2F C . -16.32 -3.04 -18.27
O6 G2F C . -14.69 -1.06 -19.55
F2 G2F C . -15.58 -6.20 -16.68
ZN ZN D . 0.24 -0.33 -0.10
S SO4 E . -14.83 -20.94 7.26
O1 SO4 E . -15.87 -19.98 7.65
O2 SO4 E . -15.28 -22.32 7.50
O3 SO4 E . -13.62 -20.68 8.01
O4 SO4 E . -14.60 -20.78 5.82
O1 MES F . -28.42 -33.05 -28.29
C2 MES F . -28.92 -31.89 -27.61
C3 MES F . -27.90 -30.76 -27.64
N4 MES F . -27.18 -30.63 -28.93
C5 MES F . -27.11 -31.72 -29.91
C6 MES F . -28.20 -32.78 -29.68
C7 MES F . -26.40 -29.38 -29.09
C8 MES F . -26.10 -28.92 -30.53
S MES F . -24.99 -27.63 -30.60
O1S MES F . -24.00 -28.35 -29.84
O2S MES F . -25.89 -26.68 -29.94
O3S MES F . -24.81 -27.66 -32.07
C1 GOL G . -17.86 -5.07 -22.18
O1 GOL G . -18.61 -4.88 -20.98
C2 GOL G . -16.43 -4.53 -22.04
O2 GOL G . -15.76 -5.12 -20.94
C3 GOL G . -16.49 -3.04 -21.79
O3 GOL G . -15.15 -2.59 -21.59
C1 G2F H . 14.02 7.63 18.79
C2 G2F H . 14.21 6.45 17.84
C3 G2F H . 12.89 6.04 17.19
C4 G2F H . 11.86 5.76 18.29
C5 G2F H . 11.66 7.02 19.10
C6 G2F H . 10.61 6.88 20.20
O3 G2F H . 13.10 4.90 16.37
O4 G2F H . 10.62 5.37 17.66
O5 G2F H . 12.93 7.43 19.67
O6 G2F H . 11.00 5.86 21.13
F2 G2F H . 15.11 6.81 16.87
S SO4 I . 21.30 12.60 -9.94
O1 SO4 I . 20.61 13.83 -9.55
O2 SO4 I . 22.58 12.90 -10.61
O3 SO4 I . 20.46 11.84 -10.88
O4 SO4 I . 21.55 11.82 -8.73
O1 MES J . 46.62 9.74 20.64
C2 MES J . 45.50 10.62 20.71
C3 MES J . 44.22 9.81 20.85
N4 MES J . 44.33 8.67 21.79
C5 MES J . 45.61 8.07 22.18
C6 MES J . 46.79 9.01 21.87
C7 MES J . 43.04 8.04 22.17
C8 MES J . 42.97 7.25 23.50
S MES J . 41.48 6.46 23.73
O1S MES J . 41.56 5.55 22.61
O2S MES J . 40.64 7.62 23.58
O3S MES J . 41.55 6.12 25.14
C1 GOL K . 16.31 7.06 22.83
O1 GOL K . 16.00 8.19 22.05
C2 GOL K . 15.41 5.87 22.46
O2 GOL K . 15.47 5.56 21.08
C3 GOL K . 13.98 6.24 22.81
O3 GOL K . 13.16 5.18 22.39
#